data_4EMW
#
_entry.id   4EMW
#
_cell.length_a   76.036
_cell.length_b   64.885
_cell.length_c   94.392
_cell.angle_alpha   90.00
_cell.angle_beta   104.77
_cell.angle_gamma   90.00
#
_symmetry.space_group_name_H-M   'P 1 21 1'
#
loop_
_entity.id
_entity.type
_entity.pdbx_description
1 polymer 'Coenzyme A disulfide reductase'
2 non-polymer 'FLAVIN-ADENINE DINUCLEOTIDE'
3 non-polymer 'MAGNESIUM ION'
4 non-polymer 'ethyl 5-[3-[[(2R)-4-[[[(2R,3S,4R,5R)-5-(6-aminopurin-9-yl)-4-oxidanyl-3-phosphonooxy-oxolan-2-yl]methoxy-oxidanyl-phosphoryl]oxy-oxidanyl-phosphoryl]oxy-3,3-dimethyl-2-oxidanyl-butanoyl]amino]propanoylamino]pentanoate'
5 non-polymer 'CHLORIDE ION'
6 water water
#
_entity_poly.entity_id   1
_entity_poly.type   'polypeptide(L)'
_entity_poly.pdbx_seq_one_letter_code
;PKIVVVGAVAGGATCASQIRRLDKESDIIIFEKDRDMSFANCALPYVIGEVVEDRRYALAYTPEKFYDRKQITVKTYHEV
IAINDERQTVSVLNRKTNEQFEESYDKLILSPGASANSLGFESDITFTLRNLEDTDAIDQFIKANQVDKVLVVGAGYVSL
EVLENLYERGLHPTLIHRSDKINKLMDADMNQPILDELDKREIPYRLNEEINAINGNEITFKSGKVEHYDMIIEGVGTHP
NSKFIESSNIKLDRKGFIPVNDKFETNVPNIYAIGDIATSHYRHVDLPASVPLAWGAHRAASIVAEQIAGNDTIEFKGFL
GNNIVKFFDYTFASVGVKPNELKQFDYKMVEVTQGAHANYYPGNSPLHLRVYYDTSNRQILRAAAVGKEGADKRIDVLSM
AMMNQLTVDELTEFEVAYAPPYSHPKDLINMIGYKA
;
_entity_poly.pdbx_strand_id   A,B
#
# COMPACT_ATOMS: atom_id res chain seq x y z
N PRO A 1 -13.86 -37.66 -6.48
CA PRO A 1 -15.22 -37.49 -6.97
C PRO A 1 -15.29 -36.85 -8.38
N LYS A 2 -16.32 -37.16 -9.18
CA LYS A 2 -16.62 -36.45 -10.42
C LYS A 2 -17.18 -35.04 -10.10
N ILE A 3 -16.58 -34.03 -10.68
CA ILE A 3 -16.88 -32.63 -10.35
C ILE A 3 -17.46 -31.96 -11.61
N VAL A 4 -18.66 -31.42 -11.50
CA VAL A 4 -19.22 -30.60 -12.57
C VAL A 4 -19.21 -29.16 -12.13
N VAL A 5 -18.77 -28.27 -13.03
CA VAL A 5 -18.68 -26.88 -12.67
C VAL A 5 -19.50 -26.17 -13.72
N VAL A 6 -20.38 -25.26 -13.26
CA VAL A 6 -21.14 -24.43 -14.15
C VAL A 6 -20.67 -22.99 -14.27
N GLY A 7 -20.23 -22.58 -15.47
CA GLY A 7 -19.62 -21.25 -15.66
C GLY A 7 -18.11 -21.40 -15.65
N ALA A 8 -17.45 -20.87 -16.66
CA ALA A 8 -16.02 -21.18 -16.78
C ALA A 8 -15.12 -19.96 -16.73
N VAL A 9 -15.42 -19.03 -15.81
CA VAL A 9 -14.60 -17.85 -15.72
C VAL A 9 -14.06 -17.63 -14.31
N ALA A 10 -14.41 -16.52 -13.66
CA ALA A 10 -13.62 -16.17 -12.48
C ALA A 10 -13.77 -17.17 -11.33
N GLY A 11 -14.96 -17.69 -11.09
CA GLY A 11 -15.14 -18.62 -10.02
C GLY A 11 -14.85 -20.00 -10.56
N GLY A 12 -15.35 -20.25 -11.78
CA GLY A 12 -15.55 -21.61 -12.26
C GLY A 12 -14.23 -22.23 -12.70
N ALA A 13 -13.52 -21.53 -13.58
CA ALA A 13 -12.29 -22.03 -14.09
C ALA A 13 -11.26 -22.02 -12.96
N THR A 14 -11.28 -20.96 -12.17
CA THR A 14 -10.40 -20.91 -11.06
C THR A 14 -10.57 -22.11 -10.11
N CYS A 15 -11.82 -22.38 -9.74
CA CYS A 15 -12.08 -23.36 -8.75
C CYS A 15 -11.63 -24.70 -9.34
N ALA A 16 -11.90 -24.89 -10.64
CA ALA A 16 -11.56 -26.17 -11.26
C ALA A 16 -10.04 -26.38 -11.19
N SER A 17 -9.33 -25.29 -11.47
CA SER A 17 -7.90 -25.25 -11.52
C SER A 17 -7.29 -25.59 -10.18
N GLN A 18 -7.89 -25.01 -9.12
CA GLN A 18 -7.51 -25.25 -7.72
C GLN A 18 -7.76 -26.65 -7.23
N ILE A 19 -8.86 -27.25 -7.68
CA ILE A 19 -9.11 -28.65 -7.37
C ILE A 19 -8.04 -29.61 -7.99
N ARG A 20 -7.78 -29.44 -9.28
CA ARG A 20 -6.76 -30.18 -10.00
C ARG A 20 -5.41 -30.11 -9.26
N ARG A 21 -5.00 -28.94 -8.75
CA ARG A 21 -3.72 -28.84 -7.98
C ARG A 21 -3.69 -29.81 -6.79
N LEU A 22 -4.82 -29.98 -6.10
CA LEU A 22 -4.85 -30.86 -4.97
C LEU A 22 -5.09 -32.28 -5.43
N ASP A 23 -5.75 -32.44 -6.57
CA ASP A 23 -6.35 -33.72 -6.92
C ASP A 23 -6.17 -34.03 -8.40
N LYS A 24 -5.44 -35.13 -8.67
CA LYS A 24 -5.03 -35.50 -10.02
C LYS A 24 -5.95 -36.53 -10.71
N GLU A 25 -6.74 -37.24 -9.92
CA GLU A 25 -7.43 -38.46 -10.41
C GLU A 25 -8.88 -38.16 -10.85
N SER A 26 -9.52 -37.24 -10.17
CA SER A 26 -10.89 -36.86 -10.51
C SER A 26 -11.08 -36.27 -11.92
N ASP A 27 -12.19 -36.68 -12.51
CA ASP A 27 -12.74 -36.09 -13.69
C ASP A 27 -13.45 -34.79 -13.37
N ILE A 28 -12.98 -33.73 -14.00
CA ILE A 28 -13.61 -32.44 -13.89
C ILE A 28 -14.08 -31.95 -15.24
N ILE A 29 -15.29 -31.44 -15.27
CA ILE A 29 -15.85 -30.87 -16.45
C ILE A 29 -16.57 -29.58 -16.10
N ILE A 30 -16.41 -28.58 -16.97
CA ILE A 30 -16.99 -27.26 -16.83
C ILE A 30 -17.85 -27.03 -18.05
N PHE A 31 -19.06 -26.51 -17.83
CA PHE A 31 -19.94 -26.15 -18.93
C PHE A 31 -19.99 -24.66 -18.92
N GLU A 32 -19.70 -24.09 -20.07
CA GLU A 32 -19.84 -22.65 -20.26
C GLU A 32 -20.82 -22.37 -21.39
N LYS A 33 -21.83 -21.54 -21.11
CA LYS A 33 -22.88 -21.28 -22.13
C LYS A 33 -22.38 -20.51 -23.38
N ASP A 34 -21.36 -19.70 -23.18
CA ASP A 34 -20.95 -18.78 -24.21
C ASP A 34 -19.71 -19.28 -24.89
N ARG A 35 -19.17 -18.46 -25.78
CA ARG A 35 -18.09 -18.88 -26.63
C ARG A 35 -16.77 -19.11 -25.93
N ASP A 36 -16.43 -18.31 -24.91
CA ASP A 36 -15.06 -18.25 -24.38
C ASP A 36 -14.97 -18.61 -22.85
N MET A 37 -13.93 -19.35 -22.46
CA MET A 37 -13.67 -19.54 -21.05
C MET A 37 -12.60 -18.54 -20.57
N SER A 38 -12.51 -18.39 -19.26
CA SER A 38 -11.37 -17.71 -18.67
C SER A 38 -11.05 -16.41 -19.35
N PHE A 39 -12.02 -15.69 -19.91
CA PHE A 39 -11.63 -14.39 -20.45
C PHE A 39 -11.39 -13.43 -19.26
N ALA A 40 -10.73 -12.33 -19.52
CA ALA A 40 -10.45 -11.39 -18.48
C ALA A 40 -11.54 -10.30 -18.46
N ASN A 41 -12.59 -10.51 -17.61
CA ASN A 41 -13.72 -9.55 -17.54
C ASN A 41 -13.23 -8.14 -17.26
N CYS A 42 -12.23 -8.03 -16.37
CA CYS A 42 -11.81 -6.72 -15.94
C CYS A 42 -10.91 -5.99 -16.91
N ALA A 43 -10.32 -6.72 -17.85
CA ALA A 43 -9.57 -6.15 -18.95
C ALA A 43 -10.47 -5.49 -20.03
N LEU A 44 -11.75 -5.83 -20.07
CA LEU A 44 -12.58 -5.55 -21.21
C LEU A 44 -12.77 -4.06 -21.53
N PRO A 45 -12.90 -3.22 -20.47
CA PRO A 45 -12.98 -1.81 -20.77
C PRO A 45 -11.71 -1.30 -21.42
N TYR A 46 -10.58 -1.86 -21.04
CA TYR A 46 -9.28 -1.48 -21.60
C TYR A 46 -9.07 -2.05 -23.01
N VAL A 47 -9.82 -3.08 -23.36
CA VAL A 47 -9.81 -3.58 -24.73
C VAL A 47 -10.61 -2.63 -25.64
N ILE A 48 -11.78 -2.23 -25.17
CA ILE A 48 -12.54 -1.19 -25.86
C ILE A 48 -11.71 0.06 -26.11
N GLY A 49 -10.93 0.47 -25.08
CA GLY A 49 -10.14 1.69 -25.14
C GLY A 49 -8.81 1.54 -25.86
N GLU A 50 -8.48 0.30 -26.23
CA GLU A 50 -7.28 -0.04 -27.02
C GLU A 50 -6.02 0.19 -26.22
N VAL A 51 -6.19 0.34 -24.92
CA VAL A 51 -5.11 0.36 -23.95
C VAL A 51 -4.56 -1.07 -23.92
N VAL A 52 -5.43 -2.08 -23.99
CA VAL A 52 -4.99 -3.41 -24.36
C VAL A 52 -5.23 -3.48 -25.87
N GLU A 53 -4.38 -4.18 -26.63
CA GLU A 53 -4.52 -4.22 -28.10
C GLU A 53 -4.49 -5.62 -28.70
N ASP A 54 -3.91 -6.57 -27.96
CA ASP A 54 -3.84 -7.98 -28.37
C ASP A 54 -4.71 -8.85 -27.46
N ARG A 55 -5.74 -9.44 -28.06
CA ARG A 55 -6.73 -10.24 -27.35
C ARG A 55 -6.15 -11.42 -26.59
N ARG A 56 -4.94 -11.83 -26.94
CA ARG A 56 -4.23 -12.81 -26.12
C ARG A 56 -4.23 -12.32 -24.68
N TYR A 57 -4.25 -11.01 -24.52
CA TYR A 57 -4.22 -10.43 -23.18
C TYR A 57 -5.59 -10.58 -22.45
N ALA A 58 -6.67 -10.59 -23.25
CA ALA A 58 -8.03 -10.73 -22.74
C ALA A 58 -8.55 -12.21 -22.63
N LEU A 59 -7.72 -13.19 -22.95
CA LEU A 59 -8.16 -14.56 -22.92
C LEU A 59 -7.07 -15.39 -22.33
N ALA A 60 -7.28 -15.91 -21.13
CA ALA A 60 -6.21 -16.67 -20.51
C ALA A 60 -6.17 -18.10 -20.99
N TYR A 61 -7.29 -18.61 -21.47
CA TYR A 61 -7.32 -20.01 -21.87
C TYR A 61 -8.35 -20.29 -22.90
N THR A 62 -8.14 -21.45 -23.52
CA THR A 62 -9.10 -22.06 -24.40
C THR A 62 -9.27 -23.45 -23.83
N PRO A 63 -10.44 -24.08 -24.08
CA PRO A 63 -10.71 -25.46 -23.69
C PRO A 63 -9.54 -26.45 -24.00
N GLU A 64 -8.97 -26.35 -25.22
CA GLU A 64 -7.86 -27.22 -25.63
C GLU A 64 -6.62 -26.99 -24.73
N LYS A 65 -6.23 -25.74 -24.49
CA LYS A 65 -5.09 -25.51 -23.61
C LYS A 65 -5.38 -25.98 -22.20
N PHE A 66 -6.62 -25.81 -21.75
CA PHE A 66 -6.98 -26.16 -20.37
C PHE A 66 -6.90 -27.67 -20.19
N TYR A 67 -7.29 -28.39 -21.23
CA TYR A 67 -7.24 -29.81 -21.18
C TYR A 67 -5.78 -30.33 -21.26
N ASP A 68 -4.96 -29.74 -22.12
CA ASP A 68 -3.56 -30.16 -22.24
C ASP A 68 -2.75 -29.81 -20.99
N ARG A 69 -3.01 -28.62 -20.45
CA ARG A 69 -2.26 -28.15 -19.30
C ARG A 69 -2.77 -28.76 -17.95
N LYS A 70 -4.09 -28.87 -17.73
CA LYS A 70 -4.63 -29.30 -16.41
C LYS A 70 -5.55 -30.51 -16.47
N GLN A 71 -5.77 -31.07 -17.67
CA GLN A 71 -6.66 -32.24 -17.91
C GLN A 71 -8.07 -32.07 -17.32
N ILE A 72 -8.65 -30.91 -17.58
CA ILE A 72 -9.99 -30.52 -17.18
C ILE A 72 -10.75 -30.30 -18.49
N THR A 73 -11.92 -30.92 -18.64
CA THR A 73 -12.68 -30.80 -19.88
C THR A 73 -13.60 -29.59 -19.81
N VAL A 74 -13.50 -28.67 -20.76
CA VAL A 74 -14.35 -27.48 -20.78
C VAL A 74 -15.17 -27.52 -22.06
N LYS A 75 -16.48 -27.32 -21.91
CA LYS A 75 -17.39 -27.34 -23.01
C LYS A 75 -18.07 -26.01 -23.18
N THR A 76 -17.65 -25.25 -24.19
CA THR A 76 -18.25 -23.96 -24.43
C THR A 76 -19.47 -24.10 -25.29
N TYR A 77 -20.28 -23.03 -25.32
CA TYR A 77 -21.58 -23.11 -25.97
C TYR A 77 -22.45 -24.27 -25.38
N HIS A 78 -22.26 -24.60 -24.11
CA HIS A 78 -23.06 -25.65 -23.43
C HIS A 78 -23.69 -25.03 -22.24
N GLU A 79 -25.00 -24.89 -22.32
CA GLU A 79 -25.77 -24.20 -21.31
C GLU A 79 -26.45 -25.20 -20.33
N VAL A 80 -26.11 -25.12 -19.05
CA VAL A 80 -26.82 -25.91 -18.08
C VAL A 80 -28.19 -25.31 -17.91
N ILE A 81 -29.24 -26.12 -18.09
CA ILE A 81 -30.62 -25.57 -18.06
C ILE A 81 -31.48 -26.04 -16.91
N ALA A 82 -30.92 -26.94 -16.09
CA ALA A 82 -31.63 -27.43 -14.92
C ALA A 82 -30.71 -28.25 -14.06
N ILE A 83 -31.02 -28.29 -12.78
CA ILE A 83 -30.31 -29.11 -11.84
C ILE A 83 -31.29 -30.15 -11.30
N ASN A 84 -30.93 -31.43 -11.47
CA ASN A 84 -31.77 -32.55 -11.03
C ASN A 84 -31.07 -33.09 -9.81
N ASP A 85 -31.27 -32.37 -8.74
CA ASP A 85 -30.40 -32.53 -7.58
C ASP A 85 -30.65 -33.84 -6.83
N GLU A 86 -31.78 -34.50 -7.08
CA GLU A 86 -32.06 -35.73 -6.32
C GLU A 86 -31.35 -36.90 -6.95
N ARG A 87 -31.16 -36.81 -8.26
CA ARG A 87 -30.46 -37.86 -9.01
C ARG A 87 -29.00 -37.48 -9.20
N GLN A 88 -28.68 -36.21 -8.90
CA GLN A 88 -27.34 -35.64 -9.11
C GLN A 88 -26.88 -35.68 -10.58
N THR A 89 -27.66 -34.98 -11.39
CA THR A 89 -27.25 -34.72 -12.70
C THR A 89 -27.64 -33.27 -12.97
N VAL A 90 -27.06 -32.74 -14.04
CA VAL A 90 -27.53 -31.48 -14.60
C VAL A 90 -27.92 -31.74 -16.03
N SER A 91 -28.89 -30.97 -16.49
CA SER A 91 -29.36 -31.02 -17.84
C SER A 91 -28.66 -29.91 -18.56
N VAL A 92 -28.15 -30.20 -19.76
CA VAL A 92 -27.26 -29.31 -20.49
C VAL A 92 -27.70 -29.22 -21.96
N LEU A 93 -27.95 -28.01 -22.41
CA LEU A 93 -28.31 -27.76 -23.77
C LEU A 93 -27.02 -27.58 -24.56
N ASN A 94 -26.77 -28.44 -25.55
CA ASN A 94 -25.72 -28.10 -26.55
C ASN A 94 -26.21 -27.02 -27.53
N ARG A 95 -25.71 -25.81 -27.43
CA ARG A 95 -26.31 -24.69 -28.20
C ARG A 95 -26.01 -24.77 -29.69
N LYS A 96 -25.00 -25.54 -30.09
CA LYS A 96 -24.62 -25.65 -31.49
C LYS A 96 -25.56 -26.64 -32.22
N THR A 97 -25.92 -27.75 -31.59
CA THR A 97 -26.80 -28.77 -32.16
C THR A 97 -28.22 -28.65 -31.64
N ASN A 98 -28.44 -27.83 -30.61
CA ASN A 98 -29.74 -27.72 -29.97
C ASN A 98 -30.26 -28.99 -29.28
N GLU A 99 -29.38 -29.93 -28.98
CA GLU A 99 -29.75 -31.20 -28.36
C GLU A 99 -29.30 -31.19 -26.92
N GLN A 100 -30.15 -31.66 -26.01
CA GLN A 100 -29.76 -31.72 -24.61
C GLN A 100 -29.35 -33.12 -24.16
N PHE A 101 -28.65 -33.17 -23.02
CA PHE A 101 -28.28 -34.44 -22.39
C PHE A 101 -28.09 -34.19 -20.90
N GLU A 102 -27.90 -35.28 -20.16
CA GLU A 102 -27.67 -35.16 -18.75
C GLU A 102 -26.21 -35.49 -18.38
N GLU A 103 -25.73 -34.83 -17.32
CA GLU A 103 -24.36 -35.06 -16.86
C GLU A 103 -24.43 -35.36 -15.38
N SER A 104 -23.91 -36.52 -14.97
CA SER A 104 -23.97 -36.89 -13.57
C SER A 104 -22.79 -36.20 -12.82
N TYR A 105 -22.90 -36.06 -11.51
CA TYR A 105 -21.80 -35.47 -10.73
C TYR A 105 -21.75 -36.10 -9.35
N ASP A 106 -20.59 -36.10 -8.68
CA ASP A 106 -20.56 -36.32 -7.23
C ASP A 106 -20.57 -34.95 -6.50
N LYS A 107 -20.06 -33.90 -7.17
CA LYS A 107 -19.96 -32.57 -6.59
C LYS A 107 -20.27 -31.54 -7.68
N LEU A 108 -21.18 -30.62 -7.35
CA LEU A 108 -21.61 -29.59 -8.32
C LEU A 108 -21.19 -28.21 -7.80
N ILE A 109 -20.43 -27.50 -8.62
CA ILE A 109 -20.01 -26.15 -8.29
C ILE A 109 -20.64 -25.14 -9.21
N LEU A 110 -21.44 -24.27 -8.63
CA LEU A 110 -22.17 -23.27 -9.39
C LEU A 110 -21.46 -21.93 -9.27
N SER A 111 -20.99 -21.42 -10.40
CA SER A 111 -20.38 -20.09 -10.45
C SER A 111 -20.86 -19.35 -11.72
N PRO A 112 -22.20 -19.29 -11.96
CA PRO A 112 -22.78 -18.74 -13.19
C PRO A 112 -22.74 -17.20 -13.28
N GLY A 113 -22.52 -16.56 -12.15
CA GLY A 113 -22.33 -15.09 -12.16
C GLY A 113 -23.59 -14.31 -12.48
N ALA A 114 -23.43 -13.19 -13.16
CA ALA A 114 -24.51 -12.26 -13.39
C ALA A 114 -24.52 -11.81 -14.81
N SER A 115 -25.64 -11.32 -15.25
CA SER A 115 -25.73 -10.87 -16.60
C SER A 115 -26.09 -9.41 -16.49
N ALA A 116 -25.85 -8.68 -17.54
CA ALA A 116 -26.17 -7.28 -17.60
C ALA A 116 -27.66 -7.06 -17.74
N ASN A 117 -28.19 -6.12 -16.97
CA ASN A 117 -29.54 -5.64 -17.20
C ASN A 117 -29.58 -4.89 -18.53
N SER A 118 -30.73 -4.92 -19.18
CA SER A 118 -30.98 -4.05 -20.33
C SER A 118 -32.11 -3.09 -19.99
N LEU A 119 -32.19 -1.99 -20.72
CA LEU A 119 -33.27 -1.01 -20.53
C LEU A 119 -34.48 -1.44 -21.32
N GLY A 120 -34.28 -2.40 -22.19
CA GLY A 120 -35.35 -2.98 -22.93
C GLY A 120 -35.80 -2.28 -24.20
N PHE A 121 -34.99 -1.39 -24.80
CA PHE A 121 -35.40 -0.74 -26.06
C PHE A 121 -35.13 -1.65 -27.23
N GLU A 122 -35.93 -1.54 -28.31
CA GLU A 122 -35.54 -2.27 -29.54
C GLU A 122 -34.60 -1.35 -30.36
N SER A 123 -33.31 -1.67 -30.34
CA SER A 123 -32.31 -0.71 -30.84
C SER A 123 -31.01 -1.34 -31.25
N ASP A 124 -30.60 -1.05 -32.48
CA ASP A 124 -29.46 -1.70 -33.08
C ASP A 124 -28.15 -1.07 -32.61
N ILE A 125 -28.24 0.05 -31.89
CA ILE A 125 -27.07 0.86 -31.51
C ILE A 125 -26.74 0.75 -30.04
N THR A 126 -27.52 -0.06 -29.34
CA THR A 126 -27.39 -0.25 -27.89
C THR A 126 -26.60 -1.50 -27.50
N PHE A 127 -25.58 -1.40 -26.65
CA PHE A 127 -24.84 -2.61 -26.19
C PHE A 127 -24.59 -2.62 -24.70
N THR A 128 -24.46 -3.81 -24.15
CA THR A 128 -24.00 -3.99 -22.80
C THR A 128 -22.67 -4.74 -22.85
N LEU A 129 -21.89 -4.60 -21.80
CA LEU A 129 -20.54 -5.10 -21.73
C LEU A 129 -20.46 -6.09 -20.58
N ARG A 130 -20.08 -7.31 -20.87
CA ARG A 130 -20.04 -8.33 -19.84
C ARG A 130 -19.07 -9.47 -20.21
N ASN A 131 -18.77 -9.67 -21.49
CA ASN A 131 -17.76 -10.67 -21.83
C ASN A 131 -17.10 -10.30 -23.13
N LEU A 132 -16.25 -11.23 -23.62
CA LEU A 132 -15.37 -10.97 -24.74
C LEU A 132 -16.21 -10.85 -26.00
N GLU A 133 -17.20 -11.75 -26.12
CA GLU A 133 -18.20 -11.59 -27.18
C GLU A 133 -18.73 -10.12 -27.27
N ASP A 134 -19.06 -9.51 -26.14
CA ASP A 134 -19.64 -8.17 -26.10
C ASP A 134 -18.61 -7.15 -26.54
N THR A 135 -17.38 -7.37 -26.11
CA THR A 135 -16.27 -6.52 -26.48
C THR A 135 -16.03 -6.54 -27.99
N ASP A 136 -15.95 -7.74 -28.57
CA ASP A 136 -15.70 -7.84 -29.99
C ASP A 136 -16.79 -7.10 -30.77
N ALA A 137 -18.04 -7.23 -30.30
CA ALA A 137 -19.19 -6.67 -30.98
C ALA A 137 -19.16 -5.12 -30.88
N ILE A 138 -18.77 -4.60 -29.74
CA ILE A 138 -18.74 -3.17 -29.54
C ILE A 138 -17.64 -2.62 -30.42
N ASP A 139 -16.45 -3.19 -30.28
CA ASP A 139 -15.30 -2.86 -31.09
C ASP A 139 -15.61 -2.81 -32.57
N GLN A 140 -16.22 -3.91 -33.07
CA GLN A 140 -16.65 -4.07 -34.45
C GLN A 140 -17.68 -3.03 -34.87
N PHE A 141 -18.59 -2.69 -33.97
CA PHE A 141 -19.62 -1.71 -34.24
C PHE A 141 -18.99 -0.32 -34.37
N ILE A 142 -18.06 0.03 -33.49
CA ILE A 142 -17.42 1.33 -33.56
C ILE A 142 -16.73 1.50 -34.93
N LYS A 143 -15.94 0.49 -35.29
CA LYS A 143 -15.20 0.53 -36.55
C LYS A 143 -16.18 0.58 -37.70
N ALA A 144 -17.17 -0.31 -37.69
CA ALA A 144 -18.10 -0.42 -38.78
C ALA A 144 -18.94 0.82 -38.98
N ASN A 145 -19.12 1.63 -37.94
CA ASN A 145 -20.09 2.73 -38.04
C ASN A 145 -19.47 4.10 -37.87
N GLN A 146 -18.13 4.10 -37.73
CA GLN A 146 -17.38 5.36 -37.59
C GLN A 146 -17.94 6.16 -36.40
N VAL A 147 -18.06 5.40 -35.31
CA VAL A 147 -18.75 5.87 -34.11
C VAL A 147 -18.03 7.08 -33.54
N ASP A 148 -18.74 8.19 -33.41
CA ASP A 148 -18.17 9.32 -32.76
C ASP A 148 -18.84 9.64 -31.39
N LYS A 149 -20.10 10.05 -31.36
CA LYS A 149 -20.74 10.35 -30.08
C LYS A 149 -21.25 9.08 -29.39
N VAL A 150 -20.92 8.88 -28.14
CA VAL A 150 -21.38 7.67 -27.47
C VAL A 150 -22.14 8.05 -26.23
N LEU A 151 -23.35 7.52 -26.09
CA LEU A 151 -24.05 7.69 -24.84
C LEU A 151 -23.74 6.56 -23.82
N VAL A 152 -23.14 6.93 -22.67
CA VAL A 152 -22.84 5.94 -21.65
C VAL A 152 -23.84 6.04 -20.52
N VAL A 153 -24.64 4.99 -20.36
CA VAL A 153 -25.69 5.02 -19.36
C VAL A 153 -25.28 4.21 -18.13
N GLY A 154 -25.21 4.90 -17.00
CA GLY A 154 -24.95 4.27 -15.71
C GLY A 154 -23.67 4.82 -15.13
N ALA A 155 -23.55 4.82 -13.81
CA ALA A 155 -22.33 5.40 -13.28
C ALA A 155 -21.63 4.54 -12.26
N GLY A 156 -21.81 3.23 -12.37
CA GLY A 156 -21.07 2.27 -11.53
C GLY A 156 -19.65 2.21 -12.06
N TYR A 157 -18.78 1.49 -11.37
CA TYR A 157 -17.38 1.49 -11.73
C TYR A 157 -17.13 1.01 -13.16
N VAL A 158 -17.92 0.06 -13.61
CA VAL A 158 -17.72 -0.45 -14.97
C VAL A 158 -17.93 0.64 -16.05
N SER A 159 -19.11 1.23 -16.04
CA SER A 159 -19.49 2.36 -16.89
C SER A 159 -18.46 3.49 -16.81
N LEU A 160 -17.81 3.63 -15.64
CA LEU A 160 -16.85 4.73 -15.51
C LEU A 160 -15.60 4.43 -16.28
N GLU A 161 -15.12 3.19 -16.17
CA GLU A 161 -13.92 2.76 -16.88
C GLU A 161 -14.17 2.78 -18.35
N VAL A 162 -15.38 2.35 -18.76
CA VAL A 162 -15.75 2.31 -20.14
C VAL A 162 -15.76 3.75 -20.69
N LEU A 163 -16.34 4.68 -19.94
CA LEU A 163 -16.37 6.05 -20.39
C LEU A 163 -14.95 6.61 -20.60
N GLU A 164 -14.06 6.36 -19.63
CA GLU A 164 -12.70 6.83 -19.72
C GLU A 164 -12.02 6.19 -20.96
N ASN A 165 -12.17 4.88 -21.13
CA ASN A 165 -11.59 4.24 -22.29
C ASN A 165 -12.12 4.75 -23.64
N LEU A 166 -13.40 5.12 -23.70
CA LEU A 166 -13.98 5.60 -24.96
C LEU A 166 -13.31 6.93 -25.28
N TYR A 167 -13.26 7.77 -24.25
CA TYR A 167 -12.55 9.04 -24.34
C TYR A 167 -11.09 8.94 -24.83
N GLU A 168 -10.32 8.09 -24.16
CA GLU A 168 -8.92 7.88 -24.48
C GLU A 168 -8.74 7.26 -25.90
N ARG A 169 -9.75 6.53 -26.36
CA ARG A 169 -9.74 5.98 -27.71
C ARG A 169 -9.98 7.09 -28.75
N GLY A 170 -10.43 8.26 -28.30
CA GLY A 170 -10.73 9.35 -29.24
C GLY A 170 -12.21 9.55 -29.49
N LEU A 171 -13.09 8.84 -28.77
CA LEU A 171 -14.52 9.09 -29.03
C LEU A 171 -15.03 10.21 -28.12
N HIS A 172 -16.31 10.58 -28.24
CA HIS A 172 -16.85 11.66 -27.43
C HIS A 172 -18.03 11.21 -26.56
N PRO A 173 -17.76 10.66 -25.37
CA PRO A 173 -18.90 10.08 -24.63
C PRO A 173 -19.68 11.15 -23.95
N THR A 174 -20.95 10.88 -23.69
CA THR A 174 -21.71 11.63 -22.73
C THR A 174 -22.15 10.60 -21.64
N LEU A 175 -22.07 10.98 -20.37
CA LEU A 175 -22.53 10.18 -19.27
C LEU A 175 -23.86 10.65 -18.68
N ILE A 176 -24.77 9.73 -18.52
CA ILE A 176 -25.97 9.95 -17.76
C ILE A 176 -26.18 8.82 -16.73
N HIS A 177 -26.88 9.18 -15.68
CA HIS A 177 -27.26 8.26 -14.64
C HIS A 177 -28.61 8.66 -14.02
N ARG A 178 -29.47 7.67 -13.80
CA ARG A 178 -30.83 7.91 -13.32
C ARG A 178 -30.90 8.62 -11.94
N SER A 179 -29.80 8.67 -11.20
CA SER A 179 -29.85 9.36 -9.94
C SER A 179 -28.51 10.01 -9.83
N ASP A 180 -28.25 10.62 -8.70
CA ASP A 180 -26.95 11.23 -8.53
C ASP A 180 -26.03 10.30 -7.70
N LYS A 181 -26.43 9.07 -7.44
CA LYS A 181 -25.52 8.16 -6.73
C LYS A 181 -24.49 7.52 -7.64
N ILE A 182 -23.52 8.31 -8.09
CA ILE A 182 -22.50 7.74 -8.93
C ILE A 182 -21.52 6.90 -8.07
N ASN A 183 -20.90 5.91 -8.69
CA ASN A 183 -19.87 5.13 -7.97
C ASN A 183 -20.24 4.82 -6.48
N LYS A 184 -21.35 4.11 -6.30
CA LYS A 184 -22.04 3.93 -4.97
C LYS A 184 -21.27 3.23 -3.86
N LEU A 185 -20.18 2.53 -4.17
CA LEU A 185 -19.41 2.02 -3.04
C LEU A 185 -18.59 3.11 -2.31
N MET A 186 -18.54 4.30 -2.89
CA MET A 186 -17.78 5.39 -2.31
C MET A 186 -18.73 6.35 -1.60
N ASP A 187 -18.25 6.99 -0.53
CA ASP A 187 -18.97 8.02 0.12
C ASP A 187 -19.33 9.10 -0.89
N ALA A 188 -20.60 9.44 -0.99
CA ALA A 188 -21.09 10.39 -2.01
C ALA A 188 -20.29 11.69 -2.07
N ASP A 189 -20.01 12.34 -0.96
CA ASP A 189 -19.27 13.64 -1.05
C ASP A 189 -17.85 13.43 -1.57
N MET A 190 -17.27 12.27 -1.30
CA MET A 190 -15.94 11.96 -1.80
C MET A 190 -15.88 11.62 -3.30
N ASN A 191 -17.04 11.52 -3.96
CA ASN A 191 -17.06 11.18 -5.37
C ASN A 191 -16.90 12.41 -6.30
N GLN A 192 -16.84 13.60 -5.70
CA GLN A 192 -16.79 14.87 -6.46
C GLN A 192 -15.66 14.93 -7.52
N PRO A 193 -14.46 14.43 -7.20
CA PRO A 193 -13.43 14.41 -8.25
C PRO A 193 -13.83 13.70 -9.56
N ILE A 194 -14.72 12.71 -9.48
CA ILE A 194 -15.23 12.14 -10.73
C ILE A 194 -15.76 13.28 -11.60
N LEU A 195 -16.60 14.14 -10.99
CA LEU A 195 -17.27 15.21 -11.70
C LEU A 195 -16.27 16.29 -12.15
N ASP A 196 -15.22 16.53 -11.36
CA ASP A 196 -14.15 17.45 -11.75
C ASP A 196 -13.33 16.83 -12.92
N GLU A 197 -13.07 15.54 -12.89
CA GLU A 197 -12.37 14.97 -14.02
C GLU A 197 -13.16 15.11 -15.32
N LEU A 198 -14.46 14.86 -15.27
CA LEU A 198 -15.27 15.08 -16.43
C LEU A 198 -15.21 16.55 -16.85
N ASP A 199 -15.39 17.50 -15.92
CA ASP A 199 -15.54 18.93 -16.26
C ASP A 199 -14.28 19.43 -16.95
N LYS A 200 -13.15 19.10 -16.33
CA LYS A 200 -11.82 19.45 -16.80
C LYS A 200 -11.66 19.00 -18.23
N ARG A 201 -12.25 17.84 -18.54
CA ARG A 201 -12.20 17.29 -19.91
C ARG A 201 -13.31 17.70 -20.87
N GLU A 202 -14.30 18.45 -20.39
CA GLU A 202 -15.44 18.82 -21.24
C GLU A 202 -16.19 17.60 -21.75
N ILE A 203 -16.18 16.55 -20.94
CA ILE A 203 -17.01 15.40 -21.16
C ILE A 203 -18.31 15.74 -20.49
N PRO A 204 -19.40 15.81 -21.28
CA PRO A 204 -20.70 16.20 -20.68
C PRO A 204 -21.29 15.07 -19.80
N TYR A 205 -22.11 15.43 -18.80
CA TYR A 205 -22.78 14.41 -18.01
C TYR A 205 -24.04 15.01 -17.41
N ARG A 206 -25.03 14.18 -17.13
CA ARG A 206 -26.29 14.65 -16.54
C ARG A 206 -26.72 13.52 -15.61
N LEU A 207 -26.91 13.84 -14.33
CA LEU A 207 -27.38 12.88 -13.32
C LEU A 207 -28.87 13.12 -13.03
N ASN A 208 -29.53 12.13 -12.42
CA ASN A 208 -31.00 12.14 -12.43
C ASN A 208 -31.57 12.32 -13.84
N GLU A 209 -30.96 11.63 -14.80
CA GLU A 209 -31.36 11.74 -16.20
C GLU A 209 -31.57 10.33 -16.66
N GLU A 210 -32.63 10.10 -17.46
CA GLU A 210 -32.95 8.79 -18.07
C GLU A 210 -33.23 8.89 -19.58
N ILE A 211 -33.13 7.76 -20.28
CA ILE A 211 -33.64 7.66 -21.65
C ILE A 211 -35.15 7.43 -21.70
N ASN A 212 -35.81 8.25 -22.50
CA ASN A 212 -37.26 8.25 -22.65
C ASN A 212 -37.61 7.39 -23.85
N ALA A 213 -36.94 7.62 -24.97
CA ALA A 213 -37.29 6.93 -26.20
C ALA A 213 -36.09 6.97 -27.14
N ILE A 214 -35.94 5.93 -27.95
CA ILE A 214 -34.91 5.84 -28.99
C ILE A 214 -35.60 5.75 -30.35
N ASN A 215 -35.33 6.68 -31.25
CA ASN A 215 -35.80 6.54 -32.64
C ASN A 215 -34.60 6.50 -33.60
N GLY A 216 -34.06 5.32 -33.86
CA GLY A 216 -32.83 5.23 -34.64
C GLY A 216 -31.66 5.80 -33.84
N ASN A 217 -31.10 6.93 -34.31
CA ASN A 217 -29.99 7.60 -33.60
C ASN A 217 -30.45 8.81 -32.82
N GLU A 218 -31.75 9.04 -32.80
CA GLU A 218 -32.29 10.17 -32.07
C GLU A 218 -32.79 9.66 -30.71
N ILE A 219 -32.18 10.19 -29.65
CA ILE A 219 -32.50 9.77 -28.29
C ILE A 219 -33.27 10.88 -27.61
N THR A 220 -34.43 10.54 -27.03
CA THR A 220 -35.18 11.47 -26.19
C THR A 220 -34.99 11.13 -24.70
N PHE A 221 -34.70 12.14 -23.89
CA PHE A 221 -34.42 11.98 -22.46
C PHE A 221 -35.55 12.48 -21.63
N LYS A 222 -35.59 12.01 -20.38
CA LYS A 222 -36.56 12.46 -19.36
C LYS A 222 -36.61 13.97 -19.20
N SER A 223 -35.46 14.64 -19.27
CA SER A 223 -35.43 16.07 -19.11
C SER A 223 -36.10 16.82 -20.29
N GLY A 224 -36.40 16.14 -21.40
CA GLY A 224 -36.87 16.80 -22.62
C GLY A 224 -35.78 16.99 -23.69
N LYS A 225 -34.51 16.86 -23.32
CA LYS A 225 -33.45 16.92 -24.33
C LYS A 225 -33.62 15.87 -25.43
N VAL A 226 -33.29 16.27 -26.65
CA VAL A 226 -33.32 15.36 -27.77
C VAL A 226 -31.97 15.48 -28.45
N GLU A 227 -31.21 14.39 -28.49
CA GLU A 227 -29.84 14.38 -29.05
C GLU A 227 -29.60 13.20 -29.98
N HIS A 228 -28.64 13.37 -30.88
CA HIS A 228 -28.23 12.33 -31.77
C HIS A 228 -27.04 11.52 -31.18
N TYR A 229 -27.08 10.19 -31.17
CA TYR A 229 -25.91 9.44 -30.74
C TYR A 229 -25.58 8.33 -31.69
N ASP A 230 -24.30 8.06 -31.92
CA ASP A 230 -23.89 6.96 -32.82
C ASP A 230 -23.94 5.62 -32.10
N MET A 231 -23.81 5.65 -30.78
CA MET A 231 -23.78 4.41 -30.04
C MET A 231 -24.23 4.60 -28.59
N ILE A 232 -24.85 3.57 -28.00
CA ILE A 232 -25.22 3.61 -26.59
C ILE A 232 -24.64 2.40 -25.85
N ILE A 233 -23.85 2.68 -24.83
CA ILE A 233 -23.42 1.65 -23.90
C ILE A 233 -24.14 1.78 -22.56
N GLU A 234 -24.84 0.72 -22.22
CA GLU A 234 -25.73 0.69 -21.08
C GLU A 234 -25.11 -0.20 -20.00
N GLY A 235 -24.78 0.44 -18.88
CA GLY A 235 -24.38 -0.28 -17.67
C GLY A 235 -25.40 -0.08 -16.56
N VAL A 236 -26.57 -0.71 -16.65
CA VAL A 236 -27.67 -0.38 -15.74
C VAL A 236 -27.85 -1.49 -14.71
N GLY A 237 -26.73 -1.95 -14.17
CA GLY A 237 -26.85 -2.99 -13.16
C GLY A 237 -26.77 -4.37 -13.76
N THR A 238 -26.88 -5.36 -12.88
CA THR A 238 -26.84 -6.76 -13.29
C THR A 238 -27.90 -7.53 -12.57
N HIS A 239 -28.20 -8.74 -13.05
CA HIS A 239 -29.08 -9.63 -12.34
C HIS A 239 -28.43 -10.99 -12.25
N PRO A 240 -28.75 -11.76 -11.23
CA PRO A 240 -28.07 -13.08 -11.04
C PRO A 240 -28.47 -14.13 -12.10
N ASN A 241 -27.54 -14.96 -12.61
CA ASN A 241 -27.92 -15.98 -13.58
C ASN A 241 -28.44 -17.21 -12.81
N SER A 242 -29.65 -17.09 -12.25
CA SER A 242 -30.18 -18.18 -11.42
C SER A 242 -31.54 -18.78 -11.92
N LYS A 243 -31.95 -18.41 -13.13
CA LYS A 243 -33.21 -18.96 -13.64
C LYS A 243 -33.07 -20.46 -13.78
N PHE A 244 -31.90 -20.95 -14.21
CA PHE A 244 -31.83 -22.41 -14.46
C PHE A 244 -31.91 -23.17 -13.17
N ILE A 245 -32.01 -22.44 -12.05
CA ILE A 245 -31.85 -23.03 -10.70
C ILE A 245 -33.17 -23.17 -9.92
N GLU A 246 -34.13 -22.32 -10.28
CA GLU A 246 -35.43 -22.19 -9.60
C GLU A 246 -36.19 -23.51 -9.43
N SER A 247 -36.15 -24.38 -10.42
CA SER A 247 -36.85 -25.64 -10.29
C SER A 247 -36.18 -26.66 -9.36
N SER A 248 -34.96 -26.39 -8.89
CA SER A 248 -34.28 -27.38 -8.03
C SER A 248 -34.62 -27.12 -6.58
N ASN A 249 -34.01 -27.90 -5.71
CA ASN A 249 -34.21 -27.65 -4.28
C ASN A 249 -33.32 -26.58 -3.67
N ILE A 250 -32.45 -25.95 -4.46
CA ILE A 250 -31.58 -24.94 -3.88
C ILE A 250 -32.37 -23.68 -3.39
N LYS A 251 -32.03 -23.18 -2.20
CA LYS A 251 -32.73 -22.05 -1.64
C LYS A 251 -32.24 -20.75 -2.29
N LEU A 252 -33.15 -19.94 -2.81
CA LEU A 252 -32.78 -18.66 -3.40
C LEU A 252 -33.30 -17.57 -2.54
N ASP A 253 -32.52 -16.52 -2.36
CA ASP A 253 -33.07 -15.40 -1.64
C ASP A 253 -34.06 -14.69 -2.63
N ARG A 254 -34.83 -13.71 -2.15
CA ARG A 254 -35.84 -13.08 -2.96
C ARG A 254 -35.27 -12.34 -4.18
N LYS A 255 -33.97 -12.00 -4.18
CA LYS A 255 -33.39 -11.27 -5.32
C LYS A 255 -32.80 -12.17 -6.41
N GLY A 256 -32.86 -13.48 -6.19
CA GLY A 256 -32.20 -14.41 -7.07
C GLY A 256 -30.83 -14.96 -6.66
N PHE A 257 -30.26 -14.53 -5.52
CA PHE A 257 -28.91 -15.02 -5.15
C PHE A 257 -28.96 -16.26 -4.28
N ILE A 258 -27.83 -16.96 -4.15
CA ILE A 258 -27.79 -18.16 -3.34
C ILE A 258 -27.09 -17.90 -1.99
N PRO A 259 -27.84 -17.96 -0.90
CA PRO A 259 -27.25 -17.92 0.45
C PRO A 259 -26.32 -19.12 0.65
N VAL A 260 -25.08 -18.88 1.10
CA VAL A 260 -24.19 -20.03 1.36
C VAL A 260 -23.62 -19.93 2.77
N ASN A 261 -23.08 -21.04 3.26
CA ASN A 261 -22.47 -21.05 4.59
C ASN A 261 -21.01 -20.80 4.38
N ASP A 262 -20.22 -20.84 5.47
CA ASP A 262 -18.79 -20.52 5.39
C ASP A 262 -17.96 -21.58 4.64
N LYS A 263 -18.62 -22.65 4.17
CA LYS A 263 -17.93 -23.61 3.29
C LYS A 263 -18.33 -23.39 1.83
N PHE A 264 -19.11 -22.34 1.61
CA PHE A 264 -19.70 -22.06 0.31
C PHE A 264 -20.67 -23.15 -0.17
N GLU A 265 -21.21 -23.90 0.80
CA GLU A 265 -22.26 -24.87 0.57
C GLU A 265 -23.63 -24.24 0.46
N THR A 266 -24.44 -24.79 -0.46
CA THR A 266 -25.89 -24.45 -0.52
C THR A 266 -26.67 -25.30 0.50
N ASN A 267 -27.98 -25.13 0.57
CA ASN A 267 -28.75 -25.98 1.45
C ASN A 267 -28.78 -27.43 0.95
N VAL A 268 -28.31 -27.68 -0.28
CA VAL A 268 -28.33 -29.00 -0.87
C VAL A 268 -26.96 -29.66 -0.79
N PRO A 269 -26.91 -30.85 -0.16
CA PRO A 269 -25.61 -31.58 -0.06
C PRO A 269 -24.90 -31.76 -1.43
N ASN A 270 -23.57 -31.59 -1.46
CA ASN A 270 -22.83 -31.76 -2.67
C ASN A 270 -22.96 -30.63 -3.70
N ILE A 271 -23.70 -29.57 -3.38
CA ILE A 271 -23.76 -28.40 -4.23
C ILE A 271 -23.26 -27.12 -3.55
N TYR A 272 -22.20 -26.58 -4.15
CA TYR A 272 -21.51 -25.37 -3.75
C TYR A 272 -21.87 -24.23 -4.70
N ALA A 273 -21.85 -23.00 -4.18
CA ALA A 273 -22.04 -21.77 -5.02
C ALA A 273 -21.03 -20.71 -4.59
N ILE A 274 -20.39 -20.12 -5.61
CA ILE A 274 -19.33 -19.18 -5.51
C ILE A 274 -19.49 -18.09 -6.55
N GLY A 275 -18.68 -17.04 -6.40
CA GLY A 275 -18.72 -15.88 -7.27
C GLY A 275 -19.89 -14.97 -7.01
N ASP A 276 -20.26 -14.14 -8.02
CA ASP A 276 -21.37 -13.17 -7.87
C ASP A 276 -22.74 -13.71 -7.43
N ILE A 277 -23.02 -14.98 -7.69
CA ILE A 277 -24.33 -15.61 -7.39
C ILE A 277 -24.50 -15.85 -5.88
N ALA A 278 -23.43 -15.79 -5.07
CA ALA A 278 -23.46 -16.28 -3.68
C ALA A 278 -23.51 -15.13 -2.66
N THR A 279 -24.22 -15.31 -1.55
CA THR A 279 -24.20 -14.25 -0.55
C THR A 279 -23.77 -14.83 0.76
N SER A 280 -23.05 -13.99 1.49
CA SER A 280 -22.48 -14.45 2.73
C SER A 280 -22.72 -13.37 3.81
N HIS A 281 -21.69 -13.04 4.59
CA HIS A 281 -21.80 -12.05 5.65
C HIS A 281 -20.50 -11.33 5.74
N TYR A 282 -20.50 -10.17 6.36
CA TYR A 282 -19.22 -9.51 6.68
C TYR A 282 -18.41 -10.21 7.72
N ARG A 283 -17.10 -9.95 7.71
CA ARG A 283 -16.14 -10.48 8.66
C ARG A 283 -16.11 -9.66 9.96
N HIS A 284 -16.28 -8.35 9.88
CA HIS A 284 -16.09 -7.49 11.06
C HIS A 284 -17.35 -7.14 11.84
N VAL A 285 -18.51 -7.38 11.22
CA VAL A 285 -19.79 -7.10 11.83
C VAL A 285 -20.74 -8.23 11.45
N ASP A 286 -21.81 -8.40 12.24
CA ASP A 286 -22.86 -9.41 12.02
C ASP A 286 -23.96 -8.91 11.07
N LEU A 287 -23.65 -8.87 9.79
CA LEU A 287 -24.60 -8.40 8.80
C LEU A 287 -24.38 -9.24 7.55
N PRO A 288 -25.43 -9.43 6.73
CA PRO A 288 -25.29 -10.11 5.44
C PRO A 288 -24.51 -9.25 4.44
N ALA A 289 -23.67 -9.89 3.62
CA ALA A 289 -22.97 -9.12 2.60
C ALA A 289 -23.07 -9.87 1.32
N SER A 290 -23.09 -9.17 0.21
CA SER A 290 -22.74 -9.78 -1.08
C SER A 290 -21.76 -8.86 -1.78
N VAL A 291 -20.61 -9.40 -2.13
CA VAL A 291 -19.53 -8.60 -2.68
C VAL A 291 -19.15 -9.27 -4.01
N PRO A 292 -19.79 -8.83 -5.10
CA PRO A 292 -19.67 -9.42 -6.42
C PRO A 292 -18.46 -8.89 -7.18
N LEU A 293 -17.30 -9.30 -6.69
CA LEU A 293 -16.00 -8.80 -7.12
C LEU A 293 -15.01 -9.97 -7.26
N ALA A 294 -13.88 -9.69 -7.88
CA ALA A 294 -12.97 -10.77 -8.29
C ALA A 294 -12.34 -11.51 -7.10
N TRP A 295 -11.80 -10.76 -6.13
CA TRP A 295 -11.14 -11.34 -4.96
C TRP A 295 -11.99 -12.40 -4.31
N GLY A 296 -13.27 -12.12 -4.13
CA GLY A 296 -14.24 -13.05 -3.55
C GLY A 296 -14.51 -14.25 -4.46
N ALA A 297 -14.47 -14.05 -5.79
CA ALA A 297 -14.60 -15.21 -6.71
C ALA A 297 -13.40 -16.16 -6.51
N HIS A 298 -12.21 -15.58 -6.46
CA HIS A 298 -11.00 -16.40 -6.37
C HIS A 298 -10.80 -17.02 -5.01
N ARG A 299 -11.32 -16.33 -3.97
CA ARG A 299 -11.08 -16.76 -2.62
C ARG A 299 -12.01 -17.95 -2.32
N ALA A 300 -13.24 -17.84 -2.82
CA ALA A 300 -14.25 -18.89 -2.67
C ALA A 300 -13.80 -20.13 -3.44
N ALA A 301 -13.34 -19.91 -4.66
CA ALA A 301 -12.75 -20.97 -5.45
C ALA A 301 -11.74 -21.81 -4.63
N SER A 302 -10.81 -21.15 -3.96
CA SER A 302 -9.77 -21.88 -3.21
C SER A 302 -10.39 -22.56 -2.04
N ILE A 303 -11.47 -21.98 -1.52
CA ILE A 303 -12.00 -22.58 -0.28
C ILE A 303 -12.78 -23.84 -0.65
N VAL A 304 -13.53 -23.76 -1.76
CA VAL A 304 -14.24 -24.94 -2.29
C VAL A 304 -13.24 -26.08 -2.66
N ALA A 305 -12.10 -25.74 -3.23
CA ALA A 305 -11.09 -26.75 -3.60
C ALA A 305 -10.62 -27.52 -2.38
N GLU A 306 -10.20 -26.79 -1.34
CA GLU A 306 -9.85 -27.39 -0.06
C GLU A 306 -11.01 -28.18 0.48
N GLN A 307 -12.23 -27.65 0.41
CA GLN A 307 -13.38 -28.44 0.93
C GLN A 307 -13.49 -29.82 0.25
N ILE A 308 -13.41 -29.85 -1.08
CA ILE A 308 -13.54 -31.05 -1.91
C ILE A 308 -12.30 -31.97 -1.84
N ALA A 309 -11.11 -31.43 -2.00
CA ALA A 309 -9.95 -32.25 -2.30
C ALA A 309 -8.77 -32.00 -1.38
N GLY A 310 -8.96 -31.13 -0.39
CA GLY A 310 -7.84 -30.72 0.45
C GLY A 310 -8.20 -30.69 1.92
N ASN A 311 -7.72 -29.66 2.64
CA ASN A 311 -8.03 -29.48 4.06
C ASN A 311 -9.40 -28.86 4.34
N ASP A 312 -10.35 -29.74 4.71
CA ASP A 312 -11.77 -29.32 4.94
C ASP A 312 -12.07 -28.47 6.18
N THR A 313 -11.07 -28.17 7.02
CA THR A 313 -11.30 -27.22 8.14
C THR A 313 -11.14 -25.75 7.68
N ILE A 314 -10.62 -25.54 6.47
CA ILE A 314 -10.47 -24.20 5.88
C ILE A 314 -11.85 -23.62 5.52
N GLU A 315 -12.21 -22.51 6.16
CA GLU A 315 -13.50 -21.84 5.90
C GLU A 315 -13.40 -20.35 5.70
N PHE A 316 -14.46 -19.80 5.14
CA PHE A 316 -14.57 -18.38 4.86
C PHE A 316 -14.78 -17.74 6.19
N LYS A 317 -14.17 -16.59 6.35
CA LYS A 317 -14.45 -15.85 7.56
C LYS A 317 -15.37 -14.63 7.36
N GLY A 318 -15.76 -14.32 6.12
CA GLY A 318 -16.66 -13.22 5.85
C GLY A 318 -16.01 -12.15 4.98
N PHE A 319 -16.78 -11.27 4.39
CA PHE A 319 -16.23 -10.25 3.50
C PHE A 319 -15.93 -8.98 4.23
N LEU A 320 -15.01 -8.18 3.71
CA LEU A 320 -14.91 -6.80 4.17
C LEU A 320 -15.42 -5.81 3.12
N GLY A 321 -15.54 -6.21 1.86
CA GLY A 321 -16.08 -5.32 0.80
C GLY A 321 -14.98 -4.39 0.32
N ASN A 322 -13.74 -4.87 0.18
CA ASN A 322 -12.70 -3.97 -0.24
C ASN A 322 -12.90 -3.73 -1.69
N ASN A 323 -12.82 -2.49 -2.17
CA ASN A 323 -13.10 -2.21 -3.60
C ASN A 323 -12.42 -0.97 -4.08
N ILE A 324 -12.28 -0.83 -5.40
CA ILE A 324 -11.46 0.24 -5.91
C ILE A 324 -11.68 0.49 -7.38
N VAL A 325 -11.58 1.74 -7.75
CA VAL A 325 -11.69 2.12 -9.15
C VAL A 325 -10.77 3.31 -9.45
N LYS A 326 -10.06 3.22 -10.57
CA LYS A 326 -9.26 4.32 -11.10
C LYS A 326 -10.18 5.04 -12.05
N PHE A 327 -10.23 6.35 -12.00
CA PHE A 327 -10.93 7.11 -13.02
C PHE A 327 -10.14 8.36 -13.30
N PHE A 328 -9.62 8.41 -14.52
CA PHE A 328 -8.58 9.38 -14.94
C PHE A 328 -7.40 9.44 -13.98
N ASP A 329 -7.10 10.59 -13.39
CA ASP A 329 -5.94 10.72 -12.50
C ASP A 329 -6.17 10.26 -11.05
N TYR A 330 -7.43 10.03 -10.66
CA TYR A 330 -7.79 9.70 -9.27
C TYR A 330 -8.06 8.25 -8.94
N THR A 331 -7.88 7.92 -7.68
CA THR A 331 -8.30 6.63 -7.16
C THR A 331 -9.41 6.75 -6.13
N PHE A 332 -10.43 5.91 -6.22
CA PHE A 332 -11.47 5.89 -5.22
C PHE A 332 -11.49 4.48 -4.62
N ALA A 333 -11.17 4.37 -3.33
CA ALA A 333 -11.15 3.06 -2.64
C ALA A 333 -12.00 3.08 -1.38
N SER A 334 -12.59 1.93 -1.01
CA SER A 334 -13.32 1.89 0.23
C SER A 334 -13.43 0.47 0.66
N VAL A 335 -13.76 0.25 1.93
CA VAL A 335 -13.78 -1.08 2.54
C VAL A 335 -14.60 -1.00 3.82
N GLY A 336 -15.24 -2.11 4.17
CA GLY A 336 -16.18 -2.15 5.29
C GLY A 336 -17.61 -2.11 4.87
N VAL A 337 -18.50 -1.75 5.79
CA VAL A 337 -19.89 -1.64 5.44
C VAL A 337 -20.09 -0.54 4.37
N LYS A 338 -21.15 -0.68 3.62
CA LYS A 338 -21.56 0.31 2.65
C LYS A 338 -22.16 1.49 3.38
N PRO A 339 -22.17 2.65 2.73
CA PRO A 339 -22.79 3.90 3.26
C PRO A 339 -24.18 3.71 3.89
N ASN A 340 -25.08 3.02 3.21
CA ASN A 340 -26.42 2.87 3.73
C ASN A 340 -26.44 1.96 5.00
N GLU A 341 -25.50 1.00 5.10
CA GLU A 341 -25.45 0.07 6.24
C GLU A 341 -24.91 0.76 7.53
N LEU A 342 -24.35 1.95 7.36
CA LEU A 342 -23.83 2.68 8.51
C LEU A 342 -24.93 2.94 9.53
N LYS A 343 -26.14 3.28 9.06
CA LYS A 343 -27.32 3.53 9.90
C LYS A 343 -27.54 2.44 10.96
N GLN A 344 -26.92 1.27 10.81
CA GLN A 344 -27.19 0.23 11.80
C GLN A 344 -26.23 0.19 12.96
N PHE A 345 -25.46 1.25 13.08
CA PHE A 345 -24.47 1.35 14.14
C PHE A 345 -24.53 2.72 14.66
N ASP A 346 -24.14 2.81 15.93
CA ASP A 346 -23.74 4.06 16.57
C ASP A 346 -22.30 4.38 16.23
N TYR A 347 -22.09 5.39 15.39
CA TYR A 347 -20.77 5.53 14.79
C TYR A 347 -20.30 6.97 14.86
N LYS A 348 -18.99 7.16 14.67
CA LYS A 348 -18.39 8.48 14.46
C LYS A 348 -17.47 8.43 13.29
N MET A 349 -17.15 9.61 12.76
CA MET A 349 -16.38 9.74 11.56
C MET A 349 -15.15 10.58 11.85
N VAL A 350 -14.01 10.15 11.30
CA VAL A 350 -12.76 10.91 11.41
C VAL A 350 -12.18 11.02 10.00
N GLU A 351 -11.44 12.07 9.72
CA GLU A 351 -10.94 12.29 8.38
C GLU A 351 -9.70 13.15 8.42
N VAL A 352 -8.77 12.89 7.51
CA VAL A 352 -7.54 13.67 7.37
C VAL A 352 -7.45 13.96 5.89
N THR A 353 -6.77 15.05 5.54
CA THR A 353 -6.45 15.38 4.16
C THR A 353 -5.07 15.98 4.16
N GLN A 354 -4.12 15.27 3.57
CA GLN A 354 -2.72 15.70 3.58
C GLN A 354 -2.09 15.16 2.28
N GLY A 355 -0.91 15.62 1.92
CA GLY A 355 -0.23 15.04 0.79
C GLY A 355 0.00 13.54 0.99
N ALA A 356 0.04 12.82 -0.12
CA ALA A 356 0.28 11.38 -0.13
C ALA A 356 1.64 11.05 0.43
N HIS A 357 2.55 11.99 0.17
CA HIS A 357 3.93 11.84 0.63
C HIS A 357 4.47 13.21 0.94
N ALA A 358 5.78 13.32 1.16
CA ALA A 358 6.40 14.58 1.63
C ALA A 358 6.06 15.76 0.74
N ASN A 359 5.62 16.84 1.37
CA ASN A 359 5.18 18.06 0.66
C ASN A 359 6.28 18.54 -0.26
N TYR A 360 7.54 18.42 0.20
CA TYR A 360 8.70 18.91 -0.55
C TYR A 360 9.09 18.01 -1.73
N TYR A 361 8.49 16.81 -1.80
CA TYR A 361 8.86 15.86 -2.82
C TYR A 361 7.86 16.02 -3.96
N PRO A 362 8.36 16.02 -5.21
CA PRO A 362 7.57 16.34 -6.42
C PRO A 362 6.46 15.36 -6.76
N GLY A 363 5.43 15.88 -7.43
CA GLY A 363 4.26 15.10 -7.77
C GLY A 363 3.41 14.76 -6.55
N ASN A 364 3.38 15.65 -5.56
CA ASN A 364 2.51 15.44 -4.42
C ASN A 364 1.10 15.85 -4.80
N SER A 365 0.13 15.24 -4.14
CA SER A 365 -1.27 15.62 -4.33
C SER A 365 -1.95 15.35 -3.00
N PRO A 366 -3.08 16.05 -2.71
CA PRO A 366 -3.80 15.83 -1.44
C PRO A 366 -4.52 14.50 -1.46
N LEU A 367 -4.44 13.79 -0.36
CA LEU A 367 -5.12 12.53 -0.22
C LEU A 367 -6.11 12.70 0.92
N HIS A 368 -7.37 12.35 0.63
CA HIS A 368 -8.45 12.43 1.61
C HIS A 368 -8.73 11.04 2.20
N LEU A 369 -8.58 10.88 3.49
CA LEU A 369 -8.83 9.55 4.12
C LEU A 369 -9.86 9.70 5.18
N ARG A 370 -10.93 8.92 5.06
CA ARG A 370 -11.99 8.95 6.01
C ARG A 370 -12.13 7.59 6.71
N VAL A 371 -12.23 7.56 8.04
CA VAL A 371 -12.48 6.34 8.79
C VAL A 371 -13.73 6.44 9.68
N TYR A 372 -14.66 5.48 9.56
CA TYR A 372 -15.80 5.35 10.50
C TYR A 372 -15.51 4.31 11.55
N TYR A 373 -15.88 4.61 12.78
CA TYR A 373 -15.71 3.62 13.86
C TYR A 373 -16.96 3.54 14.71
N ASP A 374 -17.12 2.40 15.37
CA ASP A 374 -18.27 2.12 16.18
C ASP A 374 -18.00 2.72 17.55
N THR A 375 -18.89 3.59 18.03
CA THR A 375 -18.69 4.21 19.34
C THR A 375 -18.76 3.19 20.52
N SER A 376 -19.50 2.13 20.37
CA SER A 376 -19.64 1.21 21.49
C SER A 376 -18.39 0.35 21.74
N ASN A 377 -17.53 0.18 20.73
CA ASN A 377 -16.36 -0.72 20.87
C ASN A 377 -15.06 -0.19 20.19
N ARG A 378 -15.17 1.00 19.59
CA ARG A 378 -14.04 1.67 18.95
C ARG A 378 -13.56 0.99 17.68
N GLN A 379 -14.29 -0.01 17.20
CA GLN A 379 -13.87 -0.81 16.03
C GLN A 379 -14.21 -0.14 14.74
N ILE A 380 -13.30 -0.25 13.78
CA ILE A 380 -13.39 0.34 12.46
C ILE A 380 -14.49 -0.35 11.65
N LEU A 381 -15.46 0.45 11.22
CA LEU A 381 -16.59 -0.07 10.44
C LEU A 381 -16.37 0.08 8.96
N ARG A 382 -15.73 1.19 8.57
CA ARG A 382 -15.62 1.55 7.20
C ARG A 382 -14.49 2.57 7.02
N ALA A 383 -13.74 2.46 5.93
CA ALA A 383 -12.77 3.47 5.55
C ALA A 383 -12.88 3.83 4.08
N ALA A 384 -12.45 5.02 3.71
CA ALA A 384 -12.60 5.47 2.31
C ALA A 384 -11.48 6.42 2.01
N ALA A 385 -10.92 6.30 0.83
CA ALA A 385 -9.83 7.19 0.47
C ALA A 385 -9.92 7.62 -1.00
N VAL A 386 -9.64 8.89 -1.22
CA VAL A 386 -9.62 9.50 -2.58
C VAL A 386 -8.43 10.46 -2.76
N GLY A 387 -7.71 10.28 -3.86
CA GLY A 387 -6.60 11.12 -4.21
C GLY A 387 -5.96 10.58 -5.48
N LYS A 388 -5.25 11.44 -6.21
CA LYS A 388 -4.41 10.96 -7.31
C LYS A 388 -3.35 9.93 -6.82
N GLU A 389 -3.05 9.93 -5.54
CA GLU A 389 -1.93 9.09 -5.10
C GLU A 389 -2.15 8.57 -3.72
N GLY A 390 -1.85 7.29 -3.56
CA GLY A 390 -1.70 6.75 -2.22
C GLY A 390 -2.92 6.08 -1.63
N ALA A 391 -4.08 6.23 -2.27
CA ALA A 391 -5.32 5.69 -1.72
C ALA A 391 -5.37 4.15 -1.58
N ASP A 392 -4.93 3.45 -2.60
CA ASP A 392 -4.88 2.00 -2.60
C ASP A 392 -4.08 1.47 -1.41
N LYS A 393 -2.93 2.09 -1.18
CA LYS A 393 -2.11 1.74 -0.05
C LYS A 393 -2.87 1.82 1.31
N ARG A 394 -3.50 2.98 1.55
CA ARG A 394 -4.13 3.24 2.85
C ARG A 394 -5.27 2.25 3.07
N ILE A 395 -6.03 2.00 2.00
CA ILE A 395 -7.20 1.17 2.12
C ILE A 395 -6.81 -0.29 2.32
N ASP A 396 -5.77 -0.74 1.68
CA ASP A 396 -5.21 -2.09 1.92
C ASP A 396 -4.82 -2.28 3.36
N VAL A 397 -4.11 -1.29 3.90
CA VAL A 397 -3.67 -1.42 5.29
C VAL A 397 -4.87 -1.45 6.22
N LEU A 398 -5.84 -0.57 5.95
CA LEU A 398 -7.03 -0.52 6.77
C LEU A 398 -7.81 -1.83 6.70
N SER A 399 -7.93 -2.40 5.51
CA SER A 399 -8.54 -3.69 5.34
C SER A 399 -7.80 -4.77 6.19
N MET A 400 -6.47 -4.71 6.21
CA MET A 400 -5.71 -5.64 7.02
C MET A 400 -5.97 -5.37 8.51
N ALA A 401 -6.31 -4.12 8.83
CA ALA A 401 -6.52 -3.77 10.23
C ALA A 401 -7.87 -4.30 10.66
N MET A 402 -8.89 -4.10 9.81
CA MET A 402 -10.24 -4.59 10.04
C MET A 402 -10.32 -6.13 10.11
N MET A 403 -9.59 -6.80 9.24
CA MET A 403 -9.49 -8.23 9.29
C MET A 403 -9.16 -8.69 10.73
N ASN A 404 -8.39 -7.89 11.44
CA ASN A 404 -7.97 -8.17 12.79
C ASN A 404 -8.75 -7.40 13.87
N GLN A 405 -9.92 -6.89 13.52
CA GLN A 405 -10.77 -6.29 14.54
C GLN A 405 -10.22 -4.98 15.15
N LEU A 406 -9.09 -4.51 14.64
CA LEU A 406 -8.38 -3.39 15.28
C LEU A 406 -9.26 -2.12 15.47
N THR A 407 -9.02 -1.43 16.57
CA THR A 407 -9.78 -0.22 16.90
C THR A 407 -9.14 0.97 16.20
N VAL A 408 -9.91 2.05 16.07
CA VAL A 408 -9.43 3.30 15.49
C VAL A 408 -8.26 3.92 16.31
N ASP A 409 -8.27 3.75 17.62
CA ASP A 409 -7.26 4.32 18.49
C ASP A 409 -5.94 3.57 18.29
N GLU A 410 -5.96 2.31 17.86
CA GLU A 410 -4.70 1.63 17.68
C GLU A 410 -3.97 1.96 16.38
N LEU A 411 -4.62 2.75 15.50
CA LEU A 411 -3.95 3.18 14.29
C LEU A 411 -2.74 4.06 14.58
N THR A 412 -2.71 4.72 15.73
CA THR A 412 -1.53 5.47 16.10
C THR A 412 -0.33 4.53 16.14
N GLU A 413 -0.53 3.23 16.41
CA GLU A 413 0.62 2.33 16.53
C GLU A 413 1.09 1.74 15.21
N PHE A 414 0.55 2.20 14.10
CA PHE A 414 0.88 1.59 12.81
C PHE A 414 2.23 2.14 12.38
N GLU A 415 3.19 1.23 12.23
CA GLU A 415 4.53 1.59 11.83
C GLU A 415 4.65 1.64 10.29
N VAL A 416 4.60 2.85 9.74
CA VAL A 416 4.60 3.02 8.30
C VAL A 416 6.02 2.92 7.77
N ALA A 417 6.17 2.42 6.56
CA ALA A 417 7.44 2.62 5.85
C ALA A 417 7.53 4.12 5.40
N TYR A 418 8.51 4.83 5.95
CA TYR A 418 8.64 6.24 5.69
C TYR A 418 9.89 6.58 4.94
N ALA A 419 9.71 7.18 3.77
CA ALA A 419 10.71 8.02 3.12
C ALA A 419 9.96 9.08 2.31
N PRO A 420 10.59 10.24 2.02
CA PRO A 420 9.83 11.35 1.39
C PRO A 420 8.96 10.98 0.16
N PRO A 421 9.41 10.08 -0.72
CA PRO A 421 8.46 9.73 -1.78
C PRO A 421 7.21 8.96 -1.35
N TYR A 422 7.14 8.39 -0.14
CA TYR A 422 6.07 7.43 0.14
C TYR A 422 4.98 7.84 1.14
N SER A 423 5.33 8.57 2.20
CA SER A 423 4.39 8.98 3.23
C SER A 423 4.95 10.08 4.12
N HIS A 424 4.52 10.07 5.40
CA HIS A 424 5.00 10.95 6.44
C HIS A 424 5.41 10.11 7.65
N PRO A 425 6.38 10.59 8.47
CA PRO A 425 6.75 9.96 9.71
C PRO A 425 5.51 9.63 10.61
N LYS A 426 4.56 10.58 10.67
CA LYS A 426 3.19 10.30 11.14
C LYS A 426 2.25 10.23 9.94
N ASP A 427 1.92 9.00 9.55
CA ASP A 427 1.14 8.80 8.33
C ASP A 427 -0.30 9.31 8.45
N LEU A 428 -0.99 9.45 7.33
CA LEU A 428 -2.42 9.72 7.38
C LEU A 428 -3.14 8.74 8.31
N ILE A 429 -2.75 7.47 8.20
CA ILE A 429 -3.31 6.44 9.03
C ILE A 429 -3.11 6.74 10.51
N ASN A 430 -1.86 7.10 10.88
CA ASN A 430 -1.55 7.42 12.28
C ASN A 430 -2.40 8.66 12.72
N MET A 431 -2.37 9.72 11.93
CA MET A 431 -3.22 10.90 12.11
C MET A 431 -4.68 10.59 12.41
N ILE A 432 -5.26 9.53 11.80
CA ILE A 432 -6.63 9.11 12.15
C ILE A 432 -6.75 8.71 13.64
N GLY A 433 -5.82 7.90 14.12
CA GLY A 433 -5.83 7.48 15.47
C GLY A 433 -5.60 8.66 16.43
N TYR A 434 -4.67 9.58 16.13
CA TYR A 434 -4.51 10.78 17.01
C TYR A 434 -5.74 11.68 16.98
N LYS A 435 -6.35 11.85 15.82
CA LYS A 435 -7.54 12.76 15.71
C LYS A 435 -8.79 12.12 16.32
N ALA A 436 -8.70 10.90 16.76
CA ALA A 436 -9.88 10.25 17.22
C ALA A 436 -9.97 10.38 18.72
N PRO B 1 5.71 21.04 35.24
CA PRO B 1 7.13 20.74 35.45
C PRO B 1 8.02 21.50 34.50
N LYS B 2 9.22 21.83 34.93
CA LYS B 2 10.20 22.37 34.02
C LYS B 2 10.76 21.18 33.24
N ILE B 3 10.65 21.30 31.92
CA ILE B 3 11.10 20.29 31.00
C ILE B 3 12.27 20.79 30.16
N VAL B 4 13.36 20.04 30.25
CA VAL B 4 14.57 20.30 29.47
C VAL B 4 14.72 19.18 28.44
N VAL B 5 15.02 19.58 27.19
CA VAL B 5 15.14 18.65 26.09
C VAL B 5 16.51 18.88 25.42
N VAL B 6 17.21 17.76 25.13
CA VAL B 6 18.49 17.81 24.46
C VAL B 6 18.28 17.32 23.04
N GLY B 7 18.52 18.21 22.09
CA GLY B 7 18.37 17.91 20.67
C GLY B 7 17.05 18.50 20.23
N ALA B 8 17.06 19.36 19.20
CA ALA B 8 15.83 20.07 18.76
C ALA B 8 15.36 19.68 17.36
N VAL B 9 15.47 18.39 17.01
CA VAL B 9 15.03 17.89 15.69
C VAL B 9 13.92 16.81 15.80
N ALA B 10 14.06 15.68 15.11
CA ALA B 10 13.02 14.64 15.00
C ALA B 10 12.41 14.18 16.32
N GLY B 11 13.26 13.85 17.28
CA GLY B 11 12.73 13.35 18.54
C GLY B 11 12.39 14.58 19.34
N GLY B 12 13.39 15.42 19.53
CA GLY B 12 13.36 16.50 20.47
C GLY B 12 12.34 17.57 20.21
N ALA B 13 12.33 18.14 19.00
CA ALA B 13 11.41 19.27 18.73
C ALA B 13 9.97 18.76 18.70
N THR B 14 9.80 17.58 18.12
CA THR B 14 8.50 16.94 18.03
C THR B 14 7.97 16.70 19.41
N CYS B 15 8.81 16.21 20.32
CA CYS B 15 8.34 15.82 21.66
C CYS B 15 7.94 17.02 22.51
N ALA B 16 8.75 18.06 22.48
CA ALA B 16 8.43 19.39 23.07
C ALA B 16 7.11 19.91 22.54
N SER B 17 6.92 19.77 21.25
CA SER B 17 5.72 20.30 20.64
C SER B 17 4.47 19.51 21.08
N GLN B 18 4.57 18.19 21.13
CA GLN B 18 3.48 17.34 21.66
C GLN B 18 3.18 17.63 23.14
N ILE B 19 4.19 17.95 23.93
CA ILE B 19 3.95 18.21 25.33
C ILE B 19 3.13 19.52 25.47
N ARG B 20 3.46 20.50 24.64
CA ARG B 20 2.82 21.78 24.68
C ARG B 20 1.38 21.65 24.32
N ARG B 21 1.07 20.72 23.42
CA ARG B 21 -0.33 20.44 23.08
C ARG B 21 -1.16 20.08 24.28
N LEU B 22 -0.64 19.22 25.17
CA LEU B 22 -1.36 18.77 26.37
C LEU B 22 -1.26 19.70 27.57
N ASP B 23 -0.09 20.29 27.81
CA ASP B 23 0.25 21.06 29.01
C ASP B 23 0.67 22.45 28.52
N LYS B 24 -0.12 23.47 28.82
CA LYS B 24 0.20 24.85 28.40
C LYS B 24 0.97 25.69 29.43
N GLU B 25 1.09 25.20 30.66
CA GLU B 25 1.77 25.92 31.75
C GLU B 25 3.30 25.65 31.92
N SER B 26 3.75 24.41 31.71
CA SER B 26 5.14 24.08 31.99
C SER B 26 6.09 24.86 31.09
N ASP B 27 7.22 25.29 31.68
CA ASP B 27 8.32 25.89 30.95
C ASP B 27 9.09 24.74 30.22
N ILE B 28 9.34 24.92 28.93
CA ILE B 28 9.99 23.89 28.12
C ILE B 28 11.18 24.59 27.52
N ILE B 29 12.33 23.92 27.63
CA ILE B 29 13.52 24.45 27.02
C ILE B 29 14.29 23.36 26.32
N ILE B 30 14.71 23.69 25.11
CA ILE B 30 15.50 22.81 24.28
C ILE B 30 16.92 23.32 23.98
N PHE B 31 17.91 22.47 24.26
CA PHE B 31 19.29 22.81 23.88
C PHE B 31 19.67 22.06 22.62
N GLU B 32 20.13 22.80 21.63
CA GLU B 32 20.59 22.24 20.36
C GLU B 32 21.99 22.73 20.16
N LYS B 33 22.91 21.80 19.93
CA LYS B 33 24.30 22.13 19.87
C LYS B 33 24.71 22.84 18.61
N ASP B 34 23.99 22.61 17.52
CA ASP B 34 24.35 23.20 16.23
C ASP B 34 23.44 24.40 15.91
N ARG B 35 23.44 24.82 14.68
CA ARG B 35 22.82 26.07 14.28
C ARG B 35 21.32 26.06 14.14
N ASP B 36 20.73 24.96 13.65
CA ASP B 36 19.30 24.91 13.30
C ASP B 36 18.53 23.88 14.13
N MET B 37 17.26 24.20 14.38
CA MET B 37 16.27 23.27 14.91
C MET B 37 15.33 22.80 13.79
N SER B 38 14.69 21.65 13.99
CA SER B 38 13.72 21.06 13.03
C SER B 38 14.04 21.24 11.55
N PHE B 39 15.30 20.92 11.21
CA PHE B 39 15.65 20.75 9.81
C PHE B 39 15.01 19.46 9.34
N ALA B 40 14.80 19.37 8.03
CA ALA B 40 14.21 18.21 7.48
C ALA B 40 15.35 17.20 7.10
N ASN B 41 15.74 16.33 8.04
CA ASN B 41 16.91 15.43 7.80
C ASN B 41 16.78 14.68 6.51
N CYS B 42 15.60 14.09 6.28
CA CYS B 42 15.33 13.22 5.13
C CYS B 42 15.22 13.98 3.81
N ALA B 43 15.06 15.28 3.89
CA ALA B 43 14.96 16.08 2.70
C ALA B 43 16.34 16.42 2.17
N LEU B 44 17.36 16.33 3.04
CA LEU B 44 18.72 16.85 2.73
C LEU B 44 19.29 16.38 1.37
N PRO B 45 19.16 15.06 1.06
CA PRO B 45 19.76 14.77 -0.25
C PRO B 45 19.00 15.48 -1.39
N TYR B 46 17.72 15.71 -1.23
CA TYR B 46 16.89 16.30 -2.29
C TYR B 46 17.20 17.77 -2.46
N VAL B 47 17.73 18.35 -1.38
CA VAL B 47 18.23 19.72 -1.39
C VAL B 47 19.53 19.83 -2.18
N ILE B 48 20.43 18.90 -1.92
CA ILE B 48 21.64 18.72 -2.72
C ILE B 48 21.34 18.51 -4.22
N GLY B 49 20.42 17.60 -4.51
CA GLY B 49 20.00 17.33 -5.89
C GLY B 49 19.30 18.50 -6.57
N GLU B 50 18.96 19.54 -5.79
CA GLU B 50 18.19 20.72 -6.26
C GLU B 50 16.76 20.37 -6.70
N VAL B 51 16.30 19.23 -6.23
CA VAL B 51 14.89 18.86 -6.29
C VAL B 51 14.08 19.77 -5.36
N VAL B 52 14.51 19.88 -4.11
CA VAL B 52 13.86 20.76 -3.13
C VAL B 52 14.66 22.06 -3.09
N GLU B 53 14.11 23.16 -3.61
CA GLU B 53 14.90 24.41 -3.60
C GLU B 53 14.37 25.54 -2.68
N ASP B 54 13.25 25.32 -2.02
CA ASP B 54 12.66 26.36 -1.17
C ASP B 54 13.06 26.07 0.27
N ARG B 55 13.73 27.03 0.94
CA ARG B 55 14.32 26.73 2.25
C ARG B 55 13.25 26.40 3.27
N ARG B 56 12.03 26.86 3.04
CA ARG B 56 10.93 26.66 3.98
C ARG B 56 10.59 25.19 4.09
N TYR B 57 10.96 24.41 3.07
CA TYR B 57 10.85 22.96 3.13
C TYR B 57 12.07 22.30 3.82
N ALA B 58 13.17 23.03 3.97
CA ALA B 58 14.36 22.46 4.56
C ALA B 58 14.33 22.65 6.07
N LEU B 59 13.66 23.72 6.49
CA LEU B 59 13.71 24.14 7.87
C LEU B 59 12.29 24.44 8.28
N ALA B 60 11.76 23.68 9.23
CA ALA B 60 10.37 23.85 9.62
C ALA B 60 10.20 25.02 10.58
N TYR B 61 11.17 25.23 11.46
CA TYR B 61 11.15 26.34 12.39
C TYR B 61 12.50 27.04 12.61
N THR B 62 12.41 28.26 13.13
CA THR B 62 13.50 28.95 13.79
C THR B 62 13.12 29.03 15.26
N PRO B 63 14.11 29.17 16.14
CA PRO B 63 13.86 29.43 17.55
C PRO B 63 12.82 30.56 17.81
N GLU B 64 12.94 31.69 17.12
CA GLU B 64 12.01 32.80 17.38
C GLU B 64 10.59 32.36 17.03
N LYS B 65 10.43 31.68 15.89
CA LYS B 65 9.08 31.27 15.47
C LYS B 65 8.55 30.21 16.39
N PHE B 66 9.36 29.20 16.67
CA PHE B 66 8.98 28.22 17.63
C PHE B 66 8.53 28.80 18.97
N TYR B 67 9.23 29.83 19.45
CA TYR B 67 8.81 30.49 20.66
C TYR B 67 7.44 31.21 20.44
N ASP B 68 7.32 31.93 19.34
CA ASP B 68 6.07 32.66 19.06
C ASP B 68 4.84 31.79 18.88
N ARG B 69 5.01 30.62 18.27
CA ARG B 69 3.84 29.79 18.06
C ARG B 69 3.64 28.94 19.30
N LYS B 70 4.69 28.33 19.85
CA LYS B 70 4.52 27.33 20.89
C LYS B 70 4.95 27.73 22.31
N GLN B 71 5.70 28.83 22.48
CA GLN B 71 6.17 29.25 23.79
C GLN B 71 7.15 28.24 24.38
N ILE B 72 7.91 27.65 23.48
CA ILE B 72 9.04 26.81 23.79
C ILE B 72 10.36 27.56 23.52
N THR B 73 11.24 27.58 24.51
CA THR B 73 12.50 28.22 24.33
C THR B 73 13.48 27.21 23.77
N VAL B 74 14.05 27.61 22.65
CA VAL B 74 15.08 26.82 21.94
C VAL B 74 16.40 27.61 21.86
N LYS B 75 17.44 26.98 22.38
CA LYS B 75 18.75 27.55 22.38
C LYS B 75 19.71 26.75 21.48
N THR B 76 19.94 27.32 20.28
CA THR B 76 20.83 26.76 19.31
C THR B 76 22.24 27.11 19.71
N TYR B 77 23.19 26.38 19.11
CA TYR B 77 24.59 26.52 19.48
C TYR B 77 24.82 26.28 20.98
N HIS B 78 23.94 25.55 21.64
CA HIS B 78 24.18 25.19 23.03
C HIS B 78 24.39 23.72 23.20
N GLU B 79 25.59 23.29 23.51
CA GLU B 79 25.89 21.89 23.67
C GLU B 79 25.80 21.39 25.15
N VAL B 80 24.91 20.44 25.42
CA VAL B 80 24.88 19.81 26.75
C VAL B 80 26.12 18.87 26.90
N ILE B 81 26.92 19.07 27.97
CA ILE B 81 28.20 18.41 28.06
C ILE B 81 28.31 17.43 29.26
N ALA B 82 27.29 17.45 30.10
CA ALA B 82 27.20 16.50 31.20
C ALA B 82 25.79 16.56 31.73
N ILE B 83 25.36 15.43 32.29
CA ILE B 83 24.07 15.32 32.94
C ILE B 83 24.34 15.10 34.43
N ASN B 84 23.87 16.05 35.26
CA ASN B 84 24.12 15.95 36.73
C ASN B 84 22.85 15.43 37.33
N ASP B 85 22.63 14.14 37.22
CA ASP B 85 21.29 13.58 37.46
C ASP B 85 20.95 13.63 38.91
N GLU B 86 21.96 13.61 39.77
CA GLU B 86 21.71 13.57 41.23
C GLU B 86 21.23 14.91 41.70
N ARG B 87 21.64 15.95 41.03
CA ARG B 87 21.28 17.28 41.44
C ARG B 87 20.12 17.71 40.58
N GLN B 88 19.80 16.94 39.52
CA GLN B 88 18.75 17.33 38.52
C GLN B 88 19.11 18.59 37.72
N THR B 89 20.31 18.59 37.15
CA THR B 89 20.63 19.65 36.20
C THR B 89 21.45 19.11 35.07
N VAL B 90 21.52 19.92 34.03
CA VAL B 90 22.43 19.63 32.97
C VAL B 90 23.47 20.75 32.90
N SER B 91 24.69 20.43 32.50
CA SER B 91 25.74 21.43 32.32
C SER B 91 25.74 21.60 30.83
N VAL B 92 25.74 22.87 30.44
CA VAL B 92 25.45 23.35 29.10
C VAL B 92 26.56 24.31 28.71
N LEU B 93 27.24 24.06 27.60
CA LEU B 93 28.21 24.99 27.04
C LEU B 93 27.61 25.84 25.93
N ASN B 94 27.39 27.12 26.22
CA ASN B 94 27.06 28.14 25.19
C ASN B 94 28.24 28.32 24.26
N ARG B 95 28.17 27.71 23.07
CA ARG B 95 29.29 27.70 22.11
C ARG B 95 29.66 29.08 21.53
N LYS B 96 28.77 30.05 21.63
CA LYS B 96 29.08 31.41 21.19
C LYS B 96 29.99 32.17 22.18
N THR B 97 29.79 31.98 23.48
CA THR B 97 30.63 32.64 24.46
C THR B 97 31.74 31.74 25.03
N ASN B 98 31.75 30.45 24.68
CA ASN B 98 32.46 29.41 25.47
C ASN B 98 32.23 29.45 26.99
N GLU B 99 31.09 30.01 27.43
CA GLU B 99 30.67 29.98 28.86
C GLU B 99 29.73 28.79 29.20
N GLN B 100 30.05 28.03 30.25
CA GLN B 100 29.20 26.92 30.63
C GLN B 100 28.36 27.27 31.87
N PHE B 101 27.17 26.69 31.97
CA PHE B 101 26.28 26.90 33.13
C PHE B 101 25.36 25.66 33.33
N GLU B 102 24.76 25.58 34.51
CA GLU B 102 23.77 24.55 34.86
C GLU B 102 22.32 24.98 34.51
N GLU B 103 21.54 24.07 33.94
CA GLU B 103 20.08 24.27 33.85
C GLU B 103 19.40 23.14 34.64
N SER B 104 18.44 23.50 35.46
CA SER B 104 17.76 22.53 36.27
C SER B 104 16.51 22.01 35.54
N TYR B 105 16.01 20.86 35.94
CA TYR B 105 14.81 20.27 35.27
C TYR B 105 14.05 19.44 36.26
N ASP B 106 12.73 19.36 36.08
CA ASP B 106 11.87 18.32 36.67
C ASP B 106 11.81 17.07 35.79
N LYS B 107 11.78 17.28 34.47
CA LYS B 107 11.92 16.23 33.50
C LYS B 107 12.97 16.56 32.45
N LEU B 108 13.75 15.52 32.10
CA LEU B 108 14.78 15.62 31.09
C LEU B 108 14.46 14.64 29.99
N ILE B 109 14.58 15.10 28.75
CA ILE B 109 14.28 14.26 27.59
C ILE B 109 15.44 14.30 26.65
N LEU B 110 16.03 13.14 26.45
CA LEU B 110 17.24 13.05 25.70
C LEU B 110 16.90 12.60 24.29
N SER B 111 17.26 13.42 23.32
CA SER B 111 17.05 13.07 21.91
C SER B 111 18.26 13.56 21.10
N PRO B 112 19.45 13.14 21.49
CA PRO B 112 20.62 13.64 20.79
C PRO B 112 20.95 12.94 19.46
N GLY B 113 20.28 11.86 19.12
CA GLY B 113 20.54 11.22 17.83
C GLY B 113 21.95 10.72 17.62
N ALA B 114 22.40 10.70 16.36
CA ALA B 114 23.67 10.09 16.00
C ALA B 114 24.43 11.06 15.09
N SER B 115 25.75 10.90 15.01
CA SER B 115 26.58 11.73 14.19
C SER B 115 27.15 10.82 13.12
N ALA B 116 27.46 11.38 11.95
CA ALA B 116 28.07 10.58 10.92
C ALA B 116 29.52 10.21 11.27
N ASN B 117 29.92 9.00 10.86
CA ASN B 117 31.31 8.64 10.90
C ASN B 117 32.14 9.37 9.85
N SER B 118 33.39 9.69 10.20
CA SER B 118 34.32 10.17 9.19
C SER B 118 35.36 9.09 8.90
N LEU B 119 35.89 9.14 7.70
CA LEU B 119 36.96 8.24 7.40
C LEU B 119 38.31 8.66 8.00
N GLY B 120 38.47 9.91 8.39
CA GLY B 120 39.68 10.33 9.09
C GLY B 120 40.82 11.06 8.32
N PHE B 121 40.69 11.17 7.00
CA PHE B 121 41.67 11.85 6.17
C PHE B 121 41.66 13.32 6.48
N GLU B 122 42.82 13.96 6.36
CA GLU B 122 42.89 15.40 6.47
C GLU B 122 42.51 15.90 5.06
N SER B 123 41.29 16.42 4.88
CA SER B 123 40.88 16.80 3.50
C SER B 123 39.93 17.97 3.35
N ASP B 124 40.26 18.89 2.47
CA ASP B 124 39.33 19.98 2.23
C ASP B 124 38.06 19.60 1.40
N ILE B 125 38.14 18.51 0.64
CA ILE B 125 37.07 18.15 -0.28
C ILE B 125 36.11 17.09 0.21
N THR B 126 36.27 16.61 1.42
CA THR B 126 35.49 15.51 1.96
C THR B 126 34.34 15.99 2.84
N PHE B 127 33.13 15.49 2.61
CA PHE B 127 31.98 15.96 3.41
C PHE B 127 31.22 14.75 3.91
N THR B 128 30.53 14.92 5.04
CA THR B 128 29.51 13.99 5.52
C THR B 128 28.16 14.74 5.48
N LEU B 129 27.02 14.03 5.53
CA LEU B 129 25.70 14.66 5.44
C LEU B 129 24.81 14.23 6.61
N ARG B 130 24.57 15.16 7.54
CA ARG B 130 23.72 14.84 8.69
C ARG B 130 22.75 15.96 9.01
N ASN B 131 23.17 17.20 8.76
CA ASN B 131 22.29 18.32 9.06
C ASN B 131 22.33 19.34 7.98
N LEU B 132 21.71 20.48 8.23
CA LEU B 132 21.50 21.44 7.21
C LEU B 132 22.74 22.33 7.06
N GLU B 133 23.54 22.46 8.12
CA GLU B 133 24.83 23.13 7.97
C GLU B 133 25.66 22.36 6.97
N ASP B 134 25.74 21.00 7.13
CA ASP B 134 26.39 20.13 6.14
C ASP B 134 25.89 20.40 4.73
N THR B 135 24.57 20.48 4.60
CA THR B 135 23.94 20.60 3.31
C THR B 135 24.36 21.91 2.62
N ASP B 136 24.27 23.01 3.36
CA ASP B 136 24.77 24.30 2.93
C ASP B 136 26.24 24.30 2.57
N ALA B 137 27.08 23.61 3.35
CA ALA B 137 28.47 23.56 3.00
C ALA B 137 28.76 22.78 1.68
N ILE B 138 28.11 21.64 1.48
CA ILE B 138 28.21 20.87 0.23
C ILE B 138 27.67 21.67 -0.97
N ASP B 139 26.53 22.32 -0.81
CA ASP B 139 26.02 23.18 -1.86
C ASP B 139 27.02 24.26 -2.26
N GLN B 140 27.59 24.96 -1.26
CA GLN B 140 28.57 26.00 -1.51
C GLN B 140 29.91 25.52 -2.10
N PHE B 141 30.37 24.38 -1.61
CA PHE B 141 31.62 23.83 -2.14
C PHE B 141 31.47 23.51 -3.62
N ILE B 142 30.33 22.93 -3.97
CA ILE B 142 30.05 22.54 -5.33
C ILE B 142 30.07 23.76 -6.28
N LYS B 143 29.36 24.83 -5.91
CA LYS B 143 29.34 26.06 -6.68
C LYS B 143 30.70 26.70 -6.76
N ALA B 144 31.40 26.78 -5.62
CA ALA B 144 32.68 27.51 -5.61
C ALA B 144 33.76 26.83 -6.42
N ASN B 145 33.75 25.51 -6.46
CA ASN B 145 34.81 24.82 -7.20
C ASN B 145 34.33 24.27 -8.50
N GLN B 146 33.15 24.71 -8.92
CA GLN B 146 32.51 24.14 -10.10
C GLN B 146 32.72 22.61 -10.14
N VAL B 147 32.27 21.92 -9.08
CA VAL B 147 32.49 20.47 -8.95
C VAL B 147 31.87 19.72 -10.15
N ASP B 148 32.63 18.81 -10.74
CA ASP B 148 32.09 17.87 -11.72
C ASP B 148 32.09 16.45 -11.16
N LYS B 149 33.27 15.89 -10.84
CA LYS B 149 33.33 14.52 -10.37
C LYS B 149 33.22 14.38 -8.86
N VAL B 150 32.25 13.59 -8.41
CA VAL B 150 32.15 13.35 -6.98
C VAL B 150 32.35 11.88 -6.65
N LEU B 151 33.08 11.61 -5.57
CA LEU B 151 33.22 10.25 -5.09
C LEU B 151 32.21 10.02 -3.93
N VAL B 152 31.39 8.98 -4.08
CA VAL B 152 30.41 8.66 -3.06
C VAL B 152 30.87 7.40 -2.38
N VAL B 153 31.08 7.51 -1.08
CA VAL B 153 31.54 6.40 -0.31
C VAL B 153 30.39 5.89 0.55
N GLY B 154 30.20 4.58 0.56
CA GLY B 154 29.24 3.93 1.46
C GLY B 154 28.00 3.56 0.68
N ALA B 155 27.24 2.62 1.21
CA ALA B 155 26.15 2.13 0.39
C ALA B 155 24.81 1.98 1.07
N GLY B 156 24.59 2.73 2.14
CA GLY B 156 23.34 2.68 2.82
C GLY B 156 22.46 3.74 2.19
N TYR B 157 21.29 3.90 2.77
CA TYR B 157 20.26 4.63 2.11
C TYR B 157 20.64 6.08 1.89
N VAL B 158 21.40 6.66 2.85
CA VAL B 158 21.85 8.03 2.76
C VAL B 158 22.81 8.25 1.57
N SER B 159 23.78 7.33 1.41
CA SER B 159 24.67 7.38 0.28
C SER B 159 23.95 7.24 -1.04
N LEU B 160 22.98 6.34 -1.10
CA LEU B 160 22.21 6.10 -2.29
C LEU B 160 21.41 7.33 -2.73
N GLU B 161 20.72 7.96 -1.78
CA GLU B 161 19.93 9.14 -2.11
C GLU B 161 20.82 10.28 -2.51
N VAL B 162 21.99 10.39 -1.89
CA VAL B 162 22.95 11.41 -2.27
C VAL B 162 23.50 11.14 -3.68
N LEU B 163 23.91 9.89 -3.93
CA LEU B 163 24.39 9.54 -5.27
C LEU B 163 23.37 9.99 -6.33
N GLU B 164 22.13 9.56 -6.15
CA GLU B 164 21.04 9.83 -7.09
C GLU B 164 20.82 11.31 -7.33
N ASN B 165 20.91 12.08 -6.24
CA ASN B 165 20.63 13.48 -6.33
C ASN B 165 21.77 14.26 -6.98
N LEU B 166 22.98 13.70 -6.89
CA LEU B 166 24.15 14.33 -7.47
C LEU B 166 24.06 14.17 -8.95
N TYR B 167 23.67 12.95 -9.33
CA TYR B 167 23.47 12.60 -10.72
C TYR B 167 22.36 13.48 -11.34
N GLU B 168 21.24 13.62 -10.64
CA GLU B 168 20.15 14.47 -11.12
C GLU B 168 20.50 15.95 -11.22
N ARG B 169 21.33 16.44 -10.30
CA ARG B 169 21.88 17.81 -10.35
C ARG B 169 22.80 17.97 -11.57
N GLY B 170 23.22 16.85 -12.17
CA GLY B 170 24.02 16.90 -13.36
C GLY B 170 25.50 16.75 -13.07
N LEU B 171 25.88 16.17 -11.92
CA LEU B 171 27.29 15.85 -11.69
C LEU B 171 27.55 14.42 -12.13
N HIS B 172 28.81 14.02 -12.08
CA HIS B 172 29.23 12.64 -12.38
C HIS B 172 29.79 11.89 -11.17
N PRO B 173 28.90 11.23 -10.44
CA PRO B 173 29.32 10.50 -9.23
C PRO B 173 29.89 9.14 -9.52
N THR B 174 30.78 8.64 -8.68
CA THR B 174 31.17 7.23 -8.68
C THR B 174 30.90 6.68 -7.29
N LEU B 175 30.42 5.43 -7.24
CA LEU B 175 30.09 4.84 -5.96
C LEU B 175 31.11 3.79 -5.56
N ILE B 176 31.67 3.95 -4.38
CA ILE B 176 32.46 2.86 -3.83
C ILE B 176 31.90 2.35 -2.51
N HIS B 177 32.04 1.07 -2.28
CA HIS B 177 31.75 0.52 -0.98
C HIS B 177 32.77 -0.53 -0.70
N ARG B 178 33.14 -0.61 0.59
CA ARG B 178 34.23 -1.42 1.13
C ARG B 178 33.91 -2.90 1.04
N SER B 179 32.68 -3.27 0.73
CA SER B 179 32.34 -4.70 0.58
C SER B 179 31.25 -4.85 -0.46
N ASP B 180 30.76 -6.07 -0.68
CA ASP B 180 29.61 -6.23 -1.59
C ASP B 180 28.24 -6.24 -0.90
N LYS B 181 28.23 -6.02 0.41
CA LYS B 181 26.99 -6.02 1.20
C LYS B 181 26.43 -4.59 1.28
N ILE B 182 26.00 -4.12 0.12
CA ILE B 182 25.31 -2.82 0.02
C ILE B 182 23.88 -2.93 0.60
N ASN B 183 23.29 -1.78 0.98
CA ASN B 183 21.91 -1.63 1.41
C ASN B 183 21.35 -2.74 2.31
N LYS B 184 21.91 -2.87 3.51
CA LYS B 184 22.00 -4.15 4.23
C LYS B 184 20.79 -4.42 5.13
N LEU B 185 19.94 -3.41 5.25
CA LEU B 185 18.60 -3.60 5.74
C LEU B 185 17.79 -4.52 4.78
N MET B 186 18.14 -4.47 3.48
CA MET B 186 17.49 -5.31 2.48
C MET B 186 18.18 -6.65 2.38
N ASP B 187 17.43 -7.72 2.08
CA ASP B 187 18.05 -9.05 1.76
C ASP B 187 19.15 -8.90 0.71
N ALA B 188 20.32 -9.49 0.95
CA ALA B 188 21.50 -9.19 0.10
C ALA B 188 21.28 -9.50 -1.38
N ASP B 189 20.59 -10.59 -1.69
CA ASP B 189 20.27 -10.95 -3.11
C ASP B 189 19.13 -10.15 -3.78
N MET B 190 18.40 -9.38 -2.99
CA MET B 190 17.35 -8.57 -3.51
C MET B 190 17.82 -7.15 -3.85
N ASN B 191 19.10 -6.86 -3.66
CA ASN B 191 19.66 -5.54 -3.95
C ASN B 191 20.24 -5.32 -5.37
N GLN B 192 20.20 -6.36 -6.20
CA GLN B 192 20.81 -6.29 -7.50
C GLN B 192 20.28 -5.09 -8.35
N PRO B 193 18.99 -4.72 -8.20
CA PRO B 193 18.55 -3.59 -9.08
C PRO B 193 19.25 -2.25 -8.83
N ILE B 194 19.90 -2.11 -7.69
CA ILE B 194 20.75 -0.91 -7.42
C ILE B 194 21.92 -0.88 -8.41
N LEU B 195 22.63 -2.01 -8.52
CA LEU B 195 23.70 -2.16 -9.49
C LEU B 195 23.25 -1.96 -10.94
N ASP B 196 22.08 -2.52 -11.35
CA ASP B 196 21.53 -2.37 -12.74
C ASP B 196 21.08 -0.96 -13.02
N GLU B 197 20.55 -0.28 -11.99
CA GLU B 197 20.20 1.14 -12.14
C GLU B 197 21.47 2.01 -12.33
N LEU B 198 22.56 1.63 -11.66
CA LEU B 198 23.84 2.26 -11.92
C LEU B 198 24.37 2.00 -13.38
N ASP B 199 24.45 0.73 -13.81
CA ASP B 199 24.91 0.39 -15.17
C ASP B 199 24.10 1.04 -16.31
N LYS B 200 22.80 0.92 -16.26
CA LYS B 200 21.92 1.55 -17.23
C LYS B 200 22.26 3.03 -17.44
N ARG B 201 22.65 3.70 -16.37
CA ARG B 201 22.94 5.11 -16.47
C ARG B 201 24.46 5.36 -16.63
N GLU B 202 25.23 4.29 -16.77
CA GLU B 202 26.70 4.39 -16.82
C GLU B 202 27.29 5.22 -15.68
N ILE B 203 26.75 5.03 -14.48
CA ILE B 203 27.29 5.59 -13.26
C ILE B 203 28.27 4.51 -12.73
N PRO B 204 29.57 4.85 -12.64
CA PRO B 204 30.59 3.90 -12.27
C PRO B 204 30.46 3.51 -10.77
N TYR B 205 30.79 2.28 -10.45
CA TYR B 205 30.90 1.89 -9.05
C TYR B 205 31.95 0.81 -8.92
N ARG B 206 32.54 0.69 -7.72
CA ARG B 206 33.41 -0.46 -7.38
C ARG B 206 33.12 -0.86 -5.94
N LEU B 207 32.89 -2.15 -5.74
CA LEU B 207 32.62 -2.73 -4.43
C LEU B 207 33.91 -3.35 -3.94
N ASN B 208 33.98 -3.74 -2.67
CA ASN B 208 35.27 -4.21 -2.13
C ASN B 208 36.38 -3.20 -2.35
N GLU B 209 36.04 -1.90 -2.27
CA GLU B 209 36.95 -0.81 -2.64
C GLU B 209 36.94 0.26 -1.56
N GLU B 210 38.08 0.88 -1.31
CA GLU B 210 38.24 1.91 -0.29
C GLU B 210 39.26 2.92 -0.72
N ILE B 211 39.06 4.12 -0.23
CA ILE B 211 40.07 5.16 -0.34
C ILE B 211 41.26 4.72 0.50
N ASN B 212 42.42 4.78 -0.13
CA ASN B 212 43.65 4.45 0.53
C ASN B 212 44.46 5.72 0.90
N ALA B 213 44.50 6.69 0.00
CA ALA B 213 45.21 7.96 0.29
C ALA B 213 44.56 9.07 -0.49
N ILE B 214 44.69 10.27 0.06
CA ILE B 214 44.18 11.50 -0.58
C ILE B 214 45.26 12.59 -0.59
N ASN B 215 45.47 13.19 -1.76
CA ASN B 215 46.50 14.19 -1.96
C ASN B 215 45.84 15.32 -2.83
N GLY B 216 45.20 16.32 -2.21
CA GLY B 216 44.37 17.27 -2.98
C GLY B 216 43.21 16.58 -3.72
N ASN B 217 43.21 16.64 -5.04
CA ASN B 217 42.20 16.00 -5.84
C ASN B 217 42.57 14.58 -6.32
N GLU B 218 43.81 14.18 -6.08
CA GLU B 218 44.28 12.87 -6.49
C GLU B 218 43.94 11.86 -5.39
N ILE B 219 43.16 10.86 -5.76
CA ILE B 219 42.69 9.92 -4.76
C ILE B 219 43.24 8.59 -5.16
N THR B 220 43.85 7.91 -4.21
CA THR B 220 44.38 6.59 -4.49
C THR B 220 43.57 5.59 -3.72
N PHE B 221 43.20 4.50 -4.38
CA PHE B 221 42.31 3.48 -3.85
C PHE B 221 43.03 2.17 -3.53
N LYS B 222 42.42 1.27 -2.75
CA LYS B 222 43.14 0.10 -2.31
C LYS B 222 43.27 -0.96 -3.39
N SER B 223 42.46 -0.85 -4.43
CA SER B 223 42.63 -1.66 -5.63
C SER B 223 43.90 -1.21 -6.37
N GLY B 224 44.49 -0.08 -5.98
CA GLY B 224 45.67 0.42 -6.65
C GLY B 224 45.33 1.50 -7.67
N LYS B 225 44.08 1.53 -8.12
CA LYS B 225 43.58 2.55 -9.03
C LYS B 225 43.83 3.94 -8.46
N VAL B 226 44.10 4.92 -9.34
CA VAL B 226 44.33 6.30 -8.96
C VAL B 226 43.46 7.17 -9.81
N GLU B 227 42.77 8.13 -9.19
CA GLU B 227 41.80 8.93 -9.94
C GLU B 227 41.71 10.33 -9.38
N HIS B 228 41.24 11.27 -10.19
CA HIS B 228 40.98 12.65 -9.72
C HIS B 228 39.52 12.90 -9.50
N TYR B 229 39.17 13.35 -8.30
CA TYR B 229 37.80 13.83 -8.02
C TYR B 229 37.78 15.28 -7.53
N ASP B 230 36.71 16.01 -7.81
CA ASP B 230 36.53 17.35 -7.22
C ASP B 230 35.93 17.35 -5.81
N MET B 231 35.25 16.26 -5.43
CA MET B 231 34.58 16.18 -4.11
C MET B 231 34.45 14.73 -3.67
N ILE B 232 34.39 14.55 -2.35
CA ILE B 232 34.02 13.29 -1.75
C ILE B 232 32.90 13.49 -0.73
N ILE B 233 31.83 12.68 -0.83
CA ILE B 233 30.79 12.61 0.20
C ILE B 233 30.82 11.22 0.83
N GLU B 234 31.08 11.19 2.13
CA GLU B 234 31.29 9.98 2.89
C GLU B 234 30.05 9.64 3.72
N GLY B 235 29.36 8.56 3.35
CA GLY B 235 28.31 8.01 4.17
C GLY B 235 28.70 6.64 4.73
N VAL B 236 29.61 6.62 5.71
CA VAL B 236 30.08 5.35 6.31
C VAL B 236 29.56 5.06 7.72
N GLY B 237 28.25 5.10 7.87
CA GLY B 237 27.62 4.79 9.14
C GLY B 237 27.59 6.00 10.04
N THR B 238 27.01 5.79 11.23
CA THR B 238 26.85 6.82 12.27
C THR B 238 27.30 6.24 13.62
N HIS B 239 27.50 7.10 14.62
CA HIS B 239 27.75 6.67 15.98
C HIS B 239 26.82 7.46 16.85
N PRO B 240 26.33 6.86 17.97
CA PRO B 240 25.46 7.60 18.93
C PRO B 240 26.11 8.87 19.60
N ASN B 241 25.41 10.00 19.72
CA ASN B 241 25.84 11.15 20.50
C ASN B 241 25.65 10.92 22.04
N SER B 242 26.41 10.03 22.63
CA SER B 242 26.14 9.76 24.03
C SER B 242 27.38 9.91 24.91
N LYS B 243 28.46 10.43 24.38
CA LYS B 243 29.64 10.64 25.17
C LYS B 243 29.36 11.52 26.43
N PHE B 244 28.60 12.58 26.22
CA PHE B 244 28.21 13.48 27.27
C PHE B 244 27.36 12.86 28.38
N ILE B 245 26.82 11.67 28.13
CA ILE B 245 26.00 10.95 29.10
C ILE B 245 26.79 10.01 30.01
N GLU B 246 27.99 9.63 29.58
CA GLU B 246 28.72 8.55 30.25
C GLU B 246 29.01 8.76 31.73
N SER B 247 29.27 10.00 32.15
CA SER B 247 29.60 10.28 33.53
C SER B 247 28.38 10.24 34.45
N SER B 248 27.17 10.25 33.87
CA SER B 248 25.93 10.26 34.67
C SER B 248 25.55 8.84 35.15
N ASN B 249 24.50 8.75 35.95
CA ASN B 249 24.00 7.37 36.34
C ASN B 249 23.16 6.60 35.34
N ILE B 250 22.97 7.16 34.15
CA ILE B 250 22.14 6.59 33.10
C ILE B 250 22.83 5.36 32.54
N LYS B 251 22.16 4.23 32.55
CA LYS B 251 22.75 3.03 32.01
C LYS B 251 22.93 3.19 30.48
N LEU B 252 24.12 2.93 29.97
CA LEU B 252 24.33 2.87 28.53
C LEU B 252 24.76 1.47 28.16
N ASP B 253 24.33 0.97 27.02
CA ASP B 253 24.87 -0.32 26.59
C ASP B 253 26.30 -0.12 26.07
N ARG B 254 26.98 -1.21 25.82
CA ARG B 254 28.37 -1.10 25.42
C ARG B 254 28.62 -0.50 24.03
N LYS B 255 27.58 -0.24 23.25
CA LYS B 255 27.72 0.46 21.96
C LYS B 255 27.36 1.93 22.08
N GLY B 256 27.03 2.35 23.31
CA GLY B 256 26.73 3.72 23.61
C GLY B 256 25.27 4.10 23.38
N PHE B 257 24.36 3.14 23.26
CA PHE B 257 22.90 3.44 23.15
C PHE B 257 22.21 3.38 24.50
N ILE B 258 20.96 3.85 24.55
CA ILE B 258 20.27 3.94 25.83
C ILE B 258 19.10 2.98 25.88
N PRO B 259 19.22 1.93 26.66
CA PRO B 259 18.08 1.02 26.84
C PRO B 259 16.97 1.75 27.57
N VAL B 260 15.71 1.58 27.15
CA VAL B 260 14.58 2.23 27.81
C VAL B 260 13.45 1.20 27.94
N ASN B 261 12.54 1.46 28.87
CA ASN B 261 11.38 0.60 29.02
C ASN B 261 10.27 1.12 28.05
N ASP B 262 9.08 0.51 28.04
CA ASP B 262 7.97 0.91 27.16
C ASP B 262 7.42 2.31 27.45
N LYS B 263 7.93 2.98 28.48
CA LYS B 263 7.59 4.39 28.64
C LYS B 263 8.68 5.32 28.12
N PHE B 264 9.72 4.74 27.53
CA PHE B 264 10.87 5.54 27.12
C PHE B 264 11.58 6.20 28.31
N GLU B 265 11.44 5.60 29.49
CA GLU B 265 12.15 5.95 30.70
C GLU B 265 13.53 5.30 30.66
N THR B 266 14.57 6.00 31.16
CA THR B 266 15.85 5.39 31.37
C THR B 266 15.83 4.69 32.76
N ASN B 267 16.90 4.00 33.15
CA ASN B 267 17.01 3.53 34.56
C ASN B 267 16.88 4.69 35.62
N VAL B 268 16.98 5.95 35.17
CA VAL B 268 16.96 7.09 36.11
C VAL B 268 15.62 7.80 36.02
N PRO B 269 14.92 7.84 37.17
CA PRO B 269 13.62 8.51 37.33
C PRO B 269 13.66 9.90 36.71
N ASN B 270 12.63 10.25 35.91
CA ASN B 270 12.49 11.60 35.38
C ASN B 270 13.30 11.87 34.11
N ILE B 271 14.06 10.87 33.68
CA ILE B 271 14.85 10.97 32.47
C ILE B 271 14.40 10.02 31.37
N TYR B 272 13.97 10.62 30.28
CA TYR B 272 13.53 9.87 29.13
C TYR B 272 14.56 9.90 28.01
N ALA B 273 14.46 8.94 27.08
CA ALA B 273 15.41 8.87 25.99
C ALA B 273 14.61 8.32 24.82
N ILE B 274 14.75 8.95 23.66
CA ILE B 274 13.98 8.66 22.49
C ILE B 274 14.84 8.92 21.23
N GLY B 275 14.37 8.45 20.06
CA GLY B 275 15.06 8.67 18.81
C GLY B 275 16.16 7.64 18.62
N ASP B 276 17.12 7.94 17.74
CA ASP B 276 18.20 7.00 17.38
C ASP B 276 19.03 6.53 18.58
N ILE B 277 18.99 7.26 19.69
CA ILE B 277 19.85 7.03 20.81
C ILE B 277 19.30 5.85 21.61
N ALA B 278 18.00 5.64 21.49
CA ALA B 278 17.24 4.75 22.39
C ALA B 278 17.06 3.36 21.79
N THR B 279 17.26 2.29 22.59
CA THR B 279 16.90 0.96 22.15
C THR B 279 15.75 0.37 22.96
N SER B 280 14.99 -0.52 22.32
CA SER B 280 13.82 -1.07 22.94
C SER B 280 13.78 -2.55 22.54
N HIS B 281 12.63 -3.01 22.09
CA HIS B 281 12.48 -4.43 21.72
C HIS B 281 11.59 -4.51 20.51
N TYR B 282 11.52 -5.67 19.87
CA TYR B 282 10.55 -5.91 18.76
C TYR B 282 9.18 -6.15 19.30
N ARG B 283 8.17 -5.84 18.49
CA ARG B 283 6.77 -6.04 18.89
C ARG B 283 6.32 -7.49 18.76
N HIS B 284 6.78 -8.12 17.70
CA HIS B 284 6.30 -9.42 17.29
C HIS B 284 7.21 -10.53 17.74
N VAL B 285 8.44 -10.24 18.16
CA VAL B 285 9.34 -11.27 18.77
C VAL B 285 10.09 -10.70 19.98
N ASP B 286 10.51 -11.60 20.86
CA ASP B 286 11.15 -11.23 22.10
C ASP B 286 12.65 -11.00 21.96
N LEU B 287 13.02 -9.98 21.18
CA LEU B 287 14.41 -9.61 20.93
C LEU B 287 14.54 -8.11 21.11
N PRO B 288 15.75 -7.67 21.49
CA PRO B 288 15.96 -6.23 21.59
C PRO B 288 15.97 -5.63 20.21
N ALA B 289 15.79 -4.33 20.11
CA ALA B 289 15.77 -3.72 18.77
C ALA B 289 16.16 -2.30 18.83
N SER B 290 16.87 -1.87 17.81
CA SER B 290 17.18 -0.47 17.61
C SER B 290 16.78 -0.11 16.21
N VAL B 291 15.93 0.89 16.09
CA VAL B 291 15.43 1.29 14.79
C VAL B 291 15.56 2.79 14.61
N PRO B 292 16.73 3.23 14.15
CA PRO B 292 17.02 4.65 14.13
C PRO B 292 16.38 5.35 12.94
N LEU B 293 15.05 5.43 12.94
CA LEU B 293 14.32 5.95 11.80
C LEU B 293 13.25 6.93 12.27
N ALA B 294 12.62 7.61 11.35
CA ALA B 294 11.82 8.80 11.64
C ALA B 294 10.49 8.49 12.40
N TRP B 295 9.82 7.42 11.98
CA TRP B 295 8.57 7.02 12.62
C TRP B 295 8.79 6.80 14.10
N GLY B 296 9.93 6.19 14.44
CA GLY B 296 10.17 5.86 15.79
C GLY B 296 10.44 7.09 16.64
N ALA B 297 11.21 8.02 16.14
CA ALA B 297 11.40 9.24 16.88
C ALA B 297 10.03 9.89 17.13
N HIS B 298 9.13 9.87 16.13
CA HIS B 298 7.83 10.57 16.26
C HIS B 298 6.91 9.85 17.17
N ARG B 299 6.94 8.53 17.13
CA ARG B 299 5.99 7.80 17.90
C ARG B 299 6.37 7.96 19.38
N ALA B 300 7.67 7.88 19.64
CA ALA B 300 8.20 8.01 21.04
C ALA B 300 7.95 9.43 21.55
N ALA B 301 7.99 10.41 20.65
CA ALA B 301 7.73 11.78 21.05
C ALA B 301 6.37 11.90 21.61
N SER B 302 5.42 11.27 20.92
CA SER B 302 4.01 11.21 21.35
C SER B 302 3.76 10.47 22.67
N ILE B 303 4.41 9.33 22.87
CA ILE B 303 4.29 8.54 24.08
C ILE B 303 4.90 9.25 25.28
N VAL B 304 6.09 9.82 25.10
CA VAL B 304 6.71 10.53 26.19
C VAL B 304 5.82 11.76 26.50
N ALA B 305 5.33 12.48 25.48
CA ALA B 305 4.37 13.59 25.77
C ALA B 305 3.24 13.08 26.65
N GLU B 306 2.69 11.90 26.31
CA GLU B 306 1.60 11.36 27.14
C GLU B 306 2.08 11.06 28.56
N GLN B 307 3.23 10.39 28.68
CA GLN B 307 3.73 9.97 29.95
C GLN B 307 3.80 11.14 30.90
N ILE B 308 4.17 12.31 30.36
CA ILE B 308 4.51 13.46 31.16
C ILE B 308 3.28 14.34 31.40
N ALA B 309 2.47 14.58 30.38
CA ALA B 309 1.41 15.55 30.51
C ALA B 309 0.04 15.01 30.10
N GLY B 310 -0.03 13.73 29.74
CA GLY B 310 -1.30 13.14 29.36
C GLY B 310 -1.57 11.81 30.04
N ASN B 311 -1.87 10.82 29.21
CA ASN B 311 -2.32 9.51 29.66
C ASN B 311 -1.15 8.56 29.79
N ASP B 312 -0.68 8.35 31.01
CA ASP B 312 0.46 7.47 31.24
C ASP B 312 0.18 5.92 31.13
N THR B 313 -1.03 5.54 30.75
CA THR B 313 -1.30 4.16 30.43
C THR B 313 -0.90 3.87 28.97
N ILE B 314 -0.83 4.92 28.13
CA ILE B 314 -0.26 4.80 26.76
C ILE B 314 1.22 4.39 26.83
N GLU B 315 1.52 3.19 26.30
CA GLU B 315 2.88 2.65 26.29
C GLU B 315 3.23 2.11 24.93
N PHE B 316 4.52 2.13 24.62
CA PHE B 316 5.07 1.54 23.43
C PHE B 316 4.93 0.02 23.50
N LYS B 317 4.66 -0.64 22.37
CA LYS B 317 4.60 -2.10 22.27
C LYS B 317 5.80 -2.75 21.54
N GLY B 318 6.74 -1.93 21.06
CA GLY B 318 7.95 -2.42 20.45
C GLY B 318 7.93 -2.09 18.95
N PHE B 319 9.07 -2.31 18.29
CA PHE B 319 9.29 -1.91 16.91
C PHE B 319 8.97 -3.07 15.98
N LEU B 320 8.53 -2.72 14.77
CA LEU B 320 8.57 -3.69 13.66
C LEU B 320 9.77 -3.55 12.71
N GLY B 321 10.44 -2.42 12.70
CA GLY B 321 11.58 -2.23 11.80
C GLY B 321 11.21 -1.94 10.34
N ASN B 322 10.16 -1.17 10.14
CA ASN B 322 9.70 -0.94 8.82
C ASN B 322 10.56 0.14 8.24
N ASN B 323 11.11 -0.12 7.08
CA ASN B 323 11.98 0.80 6.42
C ASN B 323 11.84 0.68 4.93
N ILE B 324 12.31 1.71 4.23
CA ILE B 324 12.09 1.81 2.81
C ILE B 324 13.02 2.83 2.21
N VAL B 325 13.55 2.51 1.03
CA VAL B 325 14.34 3.49 0.28
C VAL B 325 13.99 3.48 -1.21
N LYS B 326 13.86 4.68 -1.78
CA LYS B 326 13.80 4.82 -3.25
C LYS B 326 15.19 4.97 -3.85
N PHE B 327 15.47 4.25 -4.92
CA PHE B 327 16.68 4.48 -5.71
C PHE B 327 16.42 4.40 -7.17
N PHE B 328 16.43 5.56 -7.81
CA PHE B 328 16.03 5.72 -9.20
C PHE B 328 14.63 5.18 -9.41
N ASP B 329 14.46 4.14 -10.22
CA ASP B 329 13.08 3.68 -10.51
C ASP B 329 12.59 2.66 -9.45
N TYR B 330 13.47 2.15 -8.59
CA TYR B 330 13.12 1.03 -7.73
C TYR B 330 12.82 1.40 -6.29
N THR B 331 12.00 0.59 -5.66
CA THR B 331 11.72 0.77 -4.25
C THR B 331 12.21 -0.45 -3.50
N PHE B 332 12.96 -0.21 -2.41
CA PHE B 332 13.44 -1.30 -1.54
C PHE B 332 12.84 -1.18 -0.15
N ALA B 333 12.17 -2.21 0.34
CA ALA B 333 11.42 -2.05 1.60
C ALA B 333 11.35 -3.33 2.39
N SER B 334 11.49 -3.20 3.69
CA SER B 334 11.46 -4.39 4.53
C SER B 334 10.89 -4.03 5.89
N VAL B 335 10.45 -5.07 6.59
CA VAL B 335 9.97 -4.96 7.95
C VAL B 335 10.22 -6.31 8.66
N GLY B 336 10.40 -6.23 9.98
CA GLY B 336 10.66 -7.41 10.80
C GLY B 336 12.09 -7.43 11.27
N VAL B 337 12.51 -8.59 11.77
CA VAL B 337 13.90 -8.77 12.15
C VAL B 337 14.84 -8.61 10.97
N LYS B 338 16.01 -8.06 11.25
CA LYS B 338 17.11 -7.91 10.31
C LYS B 338 17.58 -9.30 9.81
N PRO B 339 18.15 -9.33 8.59
CA PRO B 339 18.65 -10.58 8.03
C PRO B 339 19.50 -11.37 9.04
N ASN B 340 20.48 -10.73 9.67
CA ASN B 340 21.36 -11.43 10.61
C ASN B 340 20.66 -11.89 11.90
N GLU B 341 19.42 -11.46 12.10
CA GLU B 341 18.72 -11.79 13.33
C GLU B 341 17.87 -13.01 13.06
N LEU B 342 17.66 -13.27 11.77
CA LEU B 342 16.97 -14.49 11.35
C LEU B 342 17.52 -15.80 11.96
N LYS B 343 18.85 -15.93 12.06
CA LYS B 343 19.51 -17.17 12.60
C LYS B 343 18.94 -17.59 13.97
N GLN B 344 18.29 -16.67 14.67
CA GLN B 344 17.82 -16.98 16.01
C GLN B 344 16.53 -17.77 16.10
N PHE B 345 15.86 -17.99 14.98
CA PHE B 345 14.62 -18.72 14.97
C PHE B 345 14.80 -19.94 14.12
N ASP B 346 13.89 -20.88 14.25
CA ASP B 346 13.72 -21.91 13.24
C ASP B 346 12.78 -21.35 12.16
N TYR B 347 13.31 -21.05 10.97
CA TYR B 347 12.48 -20.33 10.00
C TYR B 347 12.38 -20.95 8.64
N LYS B 348 11.46 -20.40 7.83
CA LYS B 348 11.25 -20.81 6.45
C LYS B 348 10.98 -19.61 5.62
N MET B 349 11.30 -19.76 4.34
CA MET B 349 11.09 -18.71 3.34
C MET B 349 10.10 -19.06 2.25
N VAL B 350 9.22 -18.12 1.94
CA VAL B 350 8.33 -18.20 0.80
C VAL B 350 8.51 -16.93 -0.01
N GLU B 351 8.39 -17.00 -1.33
CA GLU B 351 8.54 -15.79 -2.08
C GLU B 351 7.72 -15.81 -3.35
N VAL B 352 7.49 -14.66 -3.94
CA VAL B 352 6.77 -14.58 -5.19
C VAL B 352 7.20 -13.34 -5.98
N THR B 353 7.27 -13.49 -7.29
CA THR B 353 7.47 -12.36 -8.20
C THR B 353 6.31 -12.30 -9.17
N GLN B 354 5.72 -11.12 -9.35
CA GLN B 354 4.55 -10.96 -10.21
C GLN B 354 4.48 -9.54 -10.63
N GLY B 355 3.70 -9.25 -11.67
CA GLY B 355 3.39 -7.86 -11.98
C GLY B 355 2.83 -7.22 -10.72
N ALA B 356 3.13 -5.96 -10.49
CA ALA B 356 2.51 -5.25 -9.38
C ALA B 356 1.01 -5.11 -9.61
N HIS B 357 0.64 -4.99 -10.87
CA HIS B 357 -0.76 -4.91 -11.21
C HIS B 357 -1.05 -5.85 -12.38
N ALA B 358 -2.17 -5.62 -13.08
CA ALA B 358 -2.54 -6.52 -14.18
C ALA B 358 -1.54 -6.39 -15.34
N ASN B 359 -1.17 -7.54 -15.90
CA ASN B 359 -0.12 -7.63 -16.95
C ASN B 359 -0.44 -6.85 -18.20
N TYR B 360 -1.64 -7.06 -18.73
CA TYR B 360 -2.19 -6.23 -19.83
C TYR B 360 -2.17 -4.74 -19.53
N TYR B 361 -2.25 -4.35 -18.26
CA TYR B 361 -2.33 -2.92 -17.97
C TYR B 361 -0.96 -2.27 -18.16
N PRO B 362 -0.91 -1.08 -18.77
CA PRO B 362 0.36 -0.46 -19.17
C PRO B 362 1.27 -0.01 -18.03
N GLY B 363 2.57 -0.25 -18.19
CA GLY B 363 3.55 0.19 -17.21
C GLY B 363 3.67 -0.75 -16.03
N ASN B 364 3.50 -2.05 -16.30
CA ASN B 364 3.84 -3.07 -15.31
C ASN B 364 5.35 -3.24 -15.12
N SER B 365 5.69 -3.95 -14.04
CA SER B 365 7.03 -4.15 -13.57
C SER B 365 6.92 -5.22 -12.50
N PRO B 366 7.74 -6.27 -12.62
CA PRO B 366 7.74 -7.37 -11.64
C PRO B 366 8.00 -6.85 -10.25
N LEU B 367 7.34 -7.43 -9.28
CA LEU B 367 7.56 -7.05 -7.90
C LEU B 367 7.93 -8.33 -7.18
N HIS B 368 9.04 -8.30 -6.45
CA HIS B 368 9.50 -9.48 -5.72
C HIS B 368 9.17 -9.31 -4.26
N LEU B 369 8.36 -10.22 -3.74
CA LEU B 369 7.95 -10.27 -2.34
C LEU B 369 8.45 -11.55 -1.62
N ARG B 370 9.11 -11.37 -0.49
CA ARG B 370 9.64 -12.46 0.27
C ARG B 370 9.19 -12.34 1.73
N VAL B 371 8.77 -13.46 2.31
CA VAL B 371 8.32 -13.52 3.68
C VAL B 371 8.99 -14.70 4.37
N TYR B 372 9.48 -14.43 5.57
CA TYR B 372 10.02 -15.43 6.41
C TYR B 372 9.06 -15.65 7.58
N TYR B 373 8.99 -16.86 8.08
CA TYR B 373 8.07 -17.14 9.13
C TYR B 373 8.64 -18.22 10.03
N ASP B 374 8.16 -18.21 11.27
CA ASP B 374 8.66 -19.05 12.33
C ASP B 374 8.07 -20.41 12.08
N THR B 375 8.90 -21.43 11.91
CA THR B 375 8.31 -22.77 11.63
C THR B 375 7.48 -23.38 12.79
N SER B 376 7.77 -23.01 14.02
CA SER B 376 7.10 -23.61 15.19
C SER B 376 5.74 -23.01 15.55
N ASN B 377 5.42 -21.82 15.06
CA ASN B 377 4.12 -21.19 15.36
C ASN B 377 3.53 -20.44 14.13
N ARG B 378 4.25 -20.51 13.00
CA ARG B 378 3.79 -19.98 11.71
C ARG B 378 3.69 -18.44 11.65
N GLN B 379 4.29 -17.76 12.63
CA GLN B 379 4.26 -16.31 12.76
C GLN B 379 5.24 -15.63 11.81
N ILE B 380 4.81 -14.51 11.23
CA ILE B 380 5.64 -13.78 10.27
C ILE B 380 6.81 -13.13 11.01
N LEU B 381 8.03 -13.36 10.52
CA LEU B 381 9.24 -12.83 11.16
C LEU B 381 9.77 -11.59 10.43
N ARG B 382 9.61 -11.56 9.10
CA ARG B 382 10.30 -10.60 8.25
C ARG B 382 9.71 -10.62 6.84
N ALA B 383 9.63 -9.49 6.20
CA ALA B 383 9.19 -9.45 4.82
C ALA B 383 10.06 -8.44 4.13
N ALA B 384 10.23 -8.61 2.81
CA ALA B 384 11.12 -7.75 2.01
C ALA B 384 10.43 -7.60 0.68
N ALA B 385 10.52 -6.43 0.05
CA ALA B 385 9.89 -6.23 -1.24
C ALA B 385 10.67 -5.30 -2.12
N VAL B 386 10.83 -5.68 -3.39
CA VAL B 386 11.58 -4.85 -4.33
C VAL B 386 10.87 -4.80 -5.64
N GLY B 387 10.75 -3.63 -6.24
CA GLY B 387 10.08 -3.49 -7.52
C GLY B 387 9.92 -2.01 -7.87
N LYS B 388 9.75 -1.70 -9.15
CA LYS B 388 9.46 -0.33 -9.53
C LYS B 388 8.13 0.15 -9.00
N GLU B 389 7.17 -0.78 -8.80
CA GLU B 389 5.82 -0.40 -8.34
C GLU B 389 5.30 -1.33 -7.25
N GLY B 390 4.61 -0.69 -6.28
CA GLY B 390 3.85 -1.35 -5.23
C GLY B 390 4.54 -2.11 -4.09
N ALA B 391 5.85 -1.93 -3.95
CA ALA B 391 6.61 -2.52 -2.82
C ALA B 391 6.15 -1.93 -1.49
N ASP B 392 5.90 -0.61 -1.47
CA ASP B 392 5.47 0.10 -0.28
C ASP B 392 4.13 -0.33 0.25
N LYS B 393 3.16 -0.42 -0.65
CA LYS B 393 1.90 -1.02 -0.31
C LYS B 393 2.07 -2.44 0.36
N ARG B 394 2.82 -3.33 -0.24
CA ARG B 394 2.86 -4.72 0.24
C ARG B 394 3.49 -4.76 1.63
N ILE B 395 4.52 -3.93 1.87
CA ILE B 395 5.20 -3.93 3.13
C ILE B 395 4.40 -3.21 4.24
N ASP B 396 3.79 -2.05 3.90
CA ASP B 396 2.77 -1.50 4.78
C ASP B 396 1.67 -2.52 5.19
N VAL B 397 1.20 -3.38 4.28
CA VAL B 397 0.18 -4.35 4.69
C VAL B 397 0.80 -5.39 5.65
N LEU B 398 2.04 -5.82 5.37
CA LEU B 398 2.63 -6.92 6.13
C LEU B 398 3.00 -6.38 7.49
N SER B 399 3.33 -5.08 7.52
CA SER B 399 3.55 -4.38 8.78
C SER B 399 2.28 -4.42 9.70
N MET B 400 1.14 -4.04 9.13
CA MET B 400 -0.12 -4.21 9.86
C MET B 400 -0.43 -5.68 10.23
N ALA B 401 0.00 -6.63 9.41
CA ALA B 401 -0.26 -8.03 9.71
C ALA B 401 0.57 -8.43 10.92
N MET B 402 1.82 -7.97 10.94
CA MET B 402 2.73 -8.41 11.98
C MET B 402 2.32 -7.83 13.31
N MET B 403 1.94 -6.55 13.23
CA MET B 403 1.36 -5.81 14.32
C MET B 403 0.34 -6.68 15.04
N ASN B 404 -0.46 -7.43 14.29
CA ASN B 404 -1.52 -8.24 14.84
C ASN B 404 -1.16 -9.73 14.96
N GLN B 405 0.15 -10.04 15.06
CA GLN B 405 0.66 -11.41 15.30
C GLN B 405 0.18 -12.47 14.29
N LEU B 406 -0.16 -12.03 13.07
CA LEU B 406 -0.77 -12.88 12.04
C LEU B 406 0.09 -14.08 11.65
N THR B 407 -0.51 -15.18 11.24
CA THR B 407 0.32 -16.26 10.67
C THR B 407 0.48 -16.12 9.14
N VAL B 408 1.51 -16.76 8.59
CA VAL B 408 1.80 -16.68 7.15
C VAL B 408 0.60 -17.24 6.41
N ASP B 409 0.00 -18.28 7.00
CA ASP B 409 -1.12 -18.96 6.39
C ASP B 409 -2.32 -18.01 6.28
N GLU B 410 -2.56 -17.22 7.32
CA GLU B 410 -3.69 -16.33 7.26
C GLU B 410 -3.58 -15.24 6.19
N LEU B 411 -2.44 -15.12 5.52
CA LEU B 411 -2.31 -14.17 4.43
C LEU B 411 -3.23 -14.48 3.22
N THR B 412 -3.71 -15.71 3.08
CA THR B 412 -4.75 -16.03 2.05
C THR B 412 -6.07 -15.27 2.26
N GLU B 413 -6.30 -14.79 3.48
CA GLU B 413 -7.59 -14.17 3.83
C GLU B 413 -7.53 -12.66 3.64
N PHE B 414 -6.35 -12.12 3.35
CA PHE B 414 -6.27 -10.67 3.17
C PHE B 414 -7.06 -10.25 1.92
N GLU B 415 -8.07 -9.41 2.13
CA GLU B 415 -8.94 -9.01 1.05
C GLU B 415 -8.42 -7.75 0.43
N VAL B 416 -7.90 -7.91 -0.77
CA VAL B 416 -7.23 -6.85 -1.49
C VAL B 416 -8.24 -5.98 -2.26
N ALA B 417 -7.91 -4.71 -2.35
CA ALA B 417 -8.60 -3.84 -3.25
C ALA B 417 -8.12 -4.13 -4.69
N TYR B 418 -8.95 -4.82 -5.50
CA TYR B 418 -8.58 -5.21 -6.86
C TYR B 418 -9.23 -4.41 -8.01
N ALA B 419 -8.41 -3.95 -8.93
CA ALA B 419 -8.79 -3.48 -10.29
C ALA B 419 -7.48 -3.52 -11.06
N PRO B 420 -7.54 -3.49 -12.40
CA PRO B 420 -6.30 -3.81 -13.12
C PRO B 420 -5.07 -2.93 -12.83
N PRO B 421 -5.24 -1.59 -12.75
CA PRO B 421 -4.08 -0.78 -12.35
C PRO B 421 -3.48 -1.05 -10.95
N TYR B 422 -4.09 -1.85 -10.06
CA TYR B 422 -3.63 -1.87 -8.68
C TYR B 422 -3.03 -3.20 -8.22
N SER B 423 -3.62 -4.32 -8.60
CA SER B 423 -3.01 -5.59 -8.16
C SER B 423 -3.51 -6.79 -8.94
N HIS B 424 -3.87 -7.84 -8.20
CA HIS B 424 -4.35 -9.10 -8.77
C HIS B 424 -5.41 -9.66 -7.88
N PRO B 425 -6.43 -10.37 -8.47
CA PRO B 425 -7.52 -10.97 -7.66
C PRO B 425 -6.98 -11.85 -6.52
N LYS B 426 -5.89 -12.57 -6.78
CA LYS B 426 -5.08 -13.16 -5.71
C LYS B 426 -3.78 -12.38 -5.67
N ASP B 427 -3.63 -11.48 -4.69
CA ASP B 427 -2.44 -10.63 -4.61
C ASP B 427 -1.14 -11.37 -4.22
N LEU B 428 0.00 -10.71 -4.43
CA LEU B 428 1.27 -11.32 -4.07
C LEU B 428 1.16 -11.76 -2.62
N ILE B 429 0.52 -10.96 -1.79
CA ILE B 429 0.34 -11.29 -0.38
C ILE B 429 -0.47 -12.55 -0.15
N ASN B 430 -1.54 -12.71 -0.91
CA ASN B 430 -2.33 -13.93 -0.84
C ASN B 430 -1.46 -15.05 -1.36
N MET B 431 -0.78 -14.83 -2.48
CA MET B 431 0.13 -15.83 -3.04
C MET B 431 1.17 -16.28 -2.03
N ILE B 432 1.69 -15.35 -1.22
CA ILE B 432 2.58 -15.79 -0.13
C ILE B 432 1.92 -16.89 0.74
N GLY B 433 0.67 -16.67 1.18
CA GLY B 433 -0.05 -17.62 2.03
C GLY B 433 -0.34 -18.92 1.32
N TYR B 434 -0.77 -18.83 0.07
CA TYR B 434 -0.97 -20.11 -0.66
C TYR B 434 0.32 -20.92 -0.80
N LYS B 435 1.44 -20.24 -1.12
CA LYS B 435 2.71 -20.92 -1.42
C LYS B 435 3.34 -21.48 -0.18
N ALA B 436 2.92 -20.98 0.97
CA ALA B 436 3.41 -21.49 2.26
C ALA B 436 2.86 -22.87 2.49
#